data_3G2B
# 
_entry.id   3G2B 
# 
_audit_conform.dict_name       mmcif_pdbx.dic 
_audit_conform.dict_version    5.388 
_audit_conform.dict_location   http://mmcif.pdb.org/dictionaries/ascii/mmcif_pdbx.dic 
# 
loop_
_database_2.database_id 
_database_2.database_code 
_database_2.pdbx_database_accession 
_database_2.pdbx_DOI 
PDB   3G2B         pdb_00003g2b 10.2210/pdb3g2b/pdb 
RCSB  RCSB051333   ?            ?                   
WWPDB D_1000051333 ?            ?                   
# 
loop_
_pdbx_audit_revision_history.ordinal 
_pdbx_audit_revision_history.data_content_type 
_pdbx_audit_revision_history.major_revision 
_pdbx_audit_revision_history.minor_revision 
_pdbx_audit_revision_history.revision_date 
1 'Structure model' 1 0 2009-09-01 
2 'Structure model' 1 1 2011-07-13 
3 'Structure model' 1 2 2024-03-20 
# 
_pdbx_audit_revision_details.ordinal             1 
_pdbx_audit_revision_details.revision_ordinal    1 
_pdbx_audit_revision_details.data_content_type   'Structure model' 
_pdbx_audit_revision_details.provider            repository 
_pdbx_audit_revision_details.type                'Initial release' 
_pdbx_audit_revision_details.description         ? 
_pdbx_audit_revision_details.details             ? 
# 
loop_
_pdbx_audit_revision_group.ordinal 
_pdbx_audit_revision_group.revision_ordinal 
_pdbx_audit_revision_group.data_content_type 
_pdbx_audit_revision_group.group 
1 2 'Structure model' 'Version format compliance' 
2 3 'Structure model' 'Data collection'           
3 3 'Structure model' 'Database references'       
4 3 'Structure model' 'Derived calculations'      
# 
loop_
_pdbx_audit_revision_category.ordinal 
_pdbx_audit_revision_category.revision_ordinal 
_pdbx_audit_revision_category.data_content_type 
_pdbx_audit_revision_category.category 
1 3 'Structure model' chem_comp_atom     
2 3 'Structure model' chem_comp_bond     
3 3 'Structure model' database_2         
4 3 'Structure model' struct_ref_seq_dif 
5 3 'Structure model' struct_site        
# 
loop_
_pdbx_audit_revision_item.ordinal 
_pdbx_audit_revision_item.revision_ordinal 
_pdbx_audit_revision_item.data_content_type 
_pdbx_audit_revision_item.item 
1 3 'Structure model' '_database_2.pdbx_DOI'                
2 3 'Structure model' '_database_2.pdbx_database_accession' 
3 3 'Structure model' '_struct_ref_seq_dif.details'         
4 3 'Structure model' '_struct_site.pdbx_auth_asym_id'      
5 3 'Structure model' '_struct_site.pdbx_auth_comp_id'      
6 3 'Structure model' '_struct_site.pdbx_auth_seq_id'       
# 
_pdbx_database_status.status_code                     REL 
_pdbx_database_status.entry_id                        3G2B 
_pdbx_database_status.recvd_initial_deposition_date   2009-01-31 
_pdbx_database_status.deposit_site                    RCSB 
_pdbx_database_status.process_site                    PDBJ 
_pdbx_database_status.status_code_sf                  REL 
_pdbx_database_status.status_code_mr                  ? 
_pdbx_database_status.SG_entry                        ? 
_pdbx_database_status.pdb_format_compatible           Y 
_pdbx_database_status.status_code_cs                  ? 
_pdbx_database_status.status_code_nmr_data            ? 
_pdbx_database_status.methods_development_category    ? 
# 
loop_
_audit_author.name 
_audit_author.pdbx_ordinal 
'Yang, C.-Y.' 1 
'Tsai, T.-Y.' 2 
# 
_citation.id                        primary 
_citation.title                     
;Xanthomonas campestris PqqD in the pyrroloquinoline quinone biosynthesis operon adopts a novel saddle-like fold that possibly serves as a PQQ carrier
;
_citation.journal_abbrev            Proteins 
_citation.journal_volume            76 
_citation.page_first                1042 
_citation.page_last                 1048 
_citation.year                      2009 
_citation.journal_id_ASTM           PSFGEY 
_citation.country                   US 
_citation.journal_id_ISSN           0887-3585 
_citation.journal_id_CSD            0867 
_citation.book_publisher            ? 
_citation.pdbx_database_id_PubMed   19475705 
_citation.pdbx_database_id_DOI      10.1002/prot.22461 
# 
loop_
_citation_author.citation_id 
_citation_author.name 
_citation_author.ordinal 
_citation_author.identifier_ORCID 
primary 'Tsai, T.-Y.'   1 ? 
primary 'Yang, C.-Y.'   2 ? 
primary 'Shih, H.-L.'   3 ? 
primary 'Wang, A.H.-J.' 4 ? 
primary 'Chou, S.-H.'   5 ? 
# 
loop_
_entity.id 
_entity.type 
_entity.src_method 
_entity.pdbx_description 
_entity.formula_weight 
_entity.pdbx_number_of_molecules 
_entity.pdbx_ec 
_entity.pdbx_mutation 
_entity.pdbx_fragment 
_entity.details 
1 polymer     man 'Coenzyme PQQ synthesis protein D' 10583.896 1   ? ? ? ? 
2 non-polymer syn 'PHOSPHATE ION'                    94.971    1   ? ? ? ? 
3 water       nat water                              18.015    103 ? ? ? ? 
# 
_entity_name_com.entity_id   1 
_entity_name_com.name        'Pyrroloquinoline quinone biosynthesis protein D' 
# 
_entity_poly.entity_id                      1 
_entity_poly.type                           'polypeptide(L)' 
_entity_poly.nstd_linkage                   no 
_entity_poly.nstd_monomer                   no 
_entity_poly.pdbx_seq_one_letter_code       
;SNAMSTISRDSCPALRAGVRLQHDRARDQWVLLAPERVVELDDIALVVAQRYDGTQSLAQIAQTLAAEFDADASEIETDV
IELTTTLHQKRLLRL
;
_entity_poly.pdbx_seq_one_letter_code_can   
;SNAMSTISRDSCPALRAGVRLQHDRARDQWVLLAPERVVELDDIALVVAQRYDGTQSLAQIAQTLAAEFDADASEIETDV
IELTTTLHQKRLLRL
;
_entity_poly.pdbx_strand_id                 A 
_entity_poly.pdbx_target_identifier         ? 
# 
loop_
_pdbx_entity_nonpoly.entity_id 
_pdbx_entity_nonpoly.name 
_pdbx_entity_nonpoly.comp_id 
2 'PHOSPHATE ION' PO4 
3 water           HOH 
# 
loop_
_entity_poly_seq.entity_id 
_entity_poly_seq.num 
_entity_poly_seq.mon_id 
_entity_poly_seq.hetero 
1 1  SER n 
1 2  ASN n 
1 3  ALA n 
1 4  MET n 
1 5  SER n 
1 6  THR n 
1 7  ILE n 
1 8  SER n 
1 9  ARG n 
1 10 ASP n 
1 11 SER n 
1 12 CYS n 
1 13 PRO n 
1 14 ALA n 
1 15 LEU n 
1 16 ARG n 
1 17 ALA n 
1 18 GLY n 
1 19 VAL n 
1 20 ARG n 
1 21 LEU n 
1 22 GLN n 
1 23 HIS n 
1 24 ASP n 
1 25 ARG n 
1 26 ALA n 
1 27 ARG n 
1 28 ASP n 
1 29 GLN n 
1 30 TRP n 
1 31 VAL n 
1 32 LEU n 
1 33 LEU n 
1 34 ALA n 
1 35 PRO n 
1 36 GLU n 
1 37 ARG n 
1 38 VAL n 
1 39 VAL n 
1 40 GLU n 
1 41 LEU n 
1 42 ASP n 
1 43 ASP n 
1 44 ILE n 
1 45 ALA n 
1 46 LEU n 
1 47 VAL n 
1 48 VAL n 
1 49 ALA n 
1 50 GLN n 
1 51 ARG n 
1 52 TYR n 
1 53 ASP n 
1 54 GLY n 
1 55 THR n 
1 56 GLN n 
1 57 SER n 
1 58 LEU n 
1 59 ALA n 
1 60 GLN n 
1 61 ILE n 
1 62 ALA n 
1 63 GLN n 
1 64 THR n 
1 65 LEU n 
1 66 ALA n 
1 67 ALA n 
1 68 GLU n 
1 69 PHE n 
1 70 ASP n 
1 71 ALA n 
1 72 ASP n 
1 73 ALA n 
1 74 SER n 
1 75 GLU n 
1 76 ILE n 
1 77 GLU n 
1 78 THR n 
1 79 ASP n 
1 80 VAL n 
1 81 ILE n 
1 82 GLU n 
1 83 LEU n 
1 84 THR n 
1 85 THR n 
1 86 THR n 
1 87 LEU n 
1 88 HIS n 
1 89 GLN n 
1 90 LYS n 
1 91 ARG n 
1 92 LEU n 
1 93 LEU n 
1 94 ARG n 
1 95 LEU n 
# 
_entity_src_gen.entity_id                          1 
_entity_src_gen.pdbx_src_id                        1 
_entity_src_gen.pdbx_alt_source_flag               sample 
_entity_src_gen.pdbx_seq_type                      ? 
_entity_src_gen.pdbx_beg_seq_num                   ? 
_entity_src_gen.pdbx_end_seq_num                   ? 
_entity_src_gen.gene_src_common_name               ? 
_entity_src_gen.gene_src_genus                     ? 
_entity_src_gen.pdbx_gene_src_gene                 pqqD 
_entity_src_gen.gene_src_species                   ? 
_entity_src_gen.gene_src_strain                    17 
_entity_src_gen.gene_src_tissue                    ? 
_entity_src_gen.gene_src_tissue_fraction           ? 
_entity_src_gen.gene_src_details                   ? 
_entity_src_gen.pdbx_gene_src_fragment             ? 
_entity_src_gen.pdbx_gene_src_scientific_name      'Xanthomonas campestris pv. campestris' 
_entity_src_gen.pdbx_gene_src_ncbi_taxonomy_id     340 
_entity_src_gen.pdbx_gene_src_variant              ? 
_entity_src_gen.pdbx_gene_src_cell_line            ? 
_entity_src_gen.pdbx_gene_src_atcc                 ? 
_entity_src_gen.pdbx_gene_src_organ                ? 
_entity_src_gen.pdbx_gene_src_organelle            ? 
_entity_src_gen.pdbx_gene_src_cell                 ? 
_entity_src_gen.pdbx_gene_src_cellular_location    ? 
_entity_src_gen.host_org_common_name               ? 
_entity_src_gen.pdbx_host_org_scientific_name      'Escherichia coli' 
_entity_src_gen.pdbx_host_org_ncbi_taxonomy_id     562 
_entity_src_gen.host_org_genus                     ? 
_entity_src_gen.pdbx_host_org_gene                 ? 
_entity_src_gen.pdbx_host_org_organ                ? 
_entity_src_gen.host_org_species                   ? 
_entity_src_gen.pdbx_host_org_tissue               ? 
_entity_src_gen.pdbx_host_org_tissue_fraction      ? 
_entity_src_gen.pdbx_host_org_strain               'BL21(DE3)' 
_entity_src_gen.pdbx_host_org_variant              ? 
_entity_src_gen.pdbx_host_org_cell_line            ? 
_entity_src_gen.pdbx_host_org_atcc                 ? 
_entity_src_gen.pdbx_host_org_culture_collection   ? 
_entity_src_gen.pdbx_host_org_cell                 ? 
_entity_src_gen.pdbx_host_org_organelle            ? 
_entity_src_gen.pdbx_host_org_cellular_location    ? 
_entity_src_gen.pdbx_host_org_vector_type          plasmid 
_entity_src_gen.pdbx_host_org_vector               ? 
_entity_src_gen.host_org_details                   ? 
_entity_src_gen.expression_system_id               ? 
_entity_src_gen.plasmid_name                       pET 
_entity_src_gen.plasmid_details                    ? 
_entity_src_gen.pdbx_description                   ? 
# 
loop_
_chem_comp.id 
_chem_comp.type 
_chem_comp.mon_nstd_flag 
_chem_comp.name 
_chem_comp.pdbx_synonyms 
_chem_comp.formula 
_chem_comp.formula_weight 
ALA 'L-peptide linking' y ALANINE         ? 'C3 H7 N O2'     89.093  
ARG 'L-peptide linking' y ARGININE        ? 'C6 H15 N4 O2 1' 175.209 
ASN 'L-peptide linking' y ASPARAGINE      ? 'C4 H8 N2 O3'    132.118 
ASP 'L-peptide linking' y 'ASPARTIC ACID' ? 'C4 H7 N O4'     133.103 
CYS 'L-peptide linking' y CYSTEINE        ? 'C3 H7 N O2 S'   121.158 
GLN 'L-peptide linking' y GLUTAMINE       ? 'C5 H10 N2 O3'   146.144 
GLU 'L-peptide linking' y 'GLUTAMIC ACID' ? 'C5 H9 N O4'     147.129 
GLY 'peptide linking'   y GLYCINE         ? 'C2 H5 N O2'     75.067  
HIS 'L-peptide linking' y HISTIDINE       ? 'C6 H10 N3 O2 1' 156.162 
HOH non-polymer         . WATER           ? 'H2 O'           18.015  
ILE 'L-peptide linking' y ISOLEUCINE      ? 'C6 H13 N O2'    131.173 
LEU 'L-peptide linking' y LEUCINE         ? 'C6 H13 N O2'    131.173 
LYS 'L-peptide linking' y LYSINE          ? 'C6 H15 N2 O2 1' 147.195 
MET 'L-peptide linking' y METHIONINE      ? 'C5 H11 N O2 S'  149.211 
PHE 'L-peptide linking' y PHENYLALANINE   ? 'C9 H11 N O2'    165.189 
PO4 non-polymer         . 'PHOSPHATE ION' ? 'O4 P -3'        94.971  
PRO 'L-peptide linking' y PROLINE         ? 'C5 H9 N O2'     115.130 
SER 'L-peptide linking' y SERINE          ? 'C3 H7 N O3'     105.093 
THR 'L-peptide linking' y THREONINE       ? 'C4 H9 N O3'     119.119 
TRP 'L-peptide linking' y TRYPTOPHAN      ? 'C11 H12 N2 O2'  204.225 
TYR 'L-peptide linking' y TYROSINE        ? 'C9 H11 N O3'    181.189 
VAL 'L-peptide linking' y VALINE          ? 'C5 H11 N O2'    117.146 
# 
loop_
_pdbx_poly_seq_scheme.asym_id 
_pdbx_poly_seq_scheme.entity_id 
_pdbx_poly_seq_scheme.seq_id 
_pdbx_poly_seq_scheme.mon_id 
_pdbx_poly_seq_scheme.ndb_seq_num 
_pdbx_poly_seq_scheme.pdb_seq_num 
_pdbx_poly_seq_scheme.auth_seq_num 
_pdbx_poly_seq_scheme.pdb_mon_id 
_pdbx_poly_seq_scheme.auth_mon_id 
_pdbx_poly_seq_scheme.pdb_strand_id 
_pdbx_poly_seq_scheme.pdb_ins_code 
_pdbx_poly_seq_scheme.hetero 
A 1 1  SER 1  -2 ?  ?   ?   A . n 
A 1 2  ASN 2  -1 ?  ?   ?   A . n 
A 1 3  ALA 3  0  ?  ?   ?   A . n 
A 1 4  MET 4  1  ?  ?   ?   A . n 
A 1 5  SER 5  2  ?  ?   ?   A . n 
A 1 6  THR 6  3  3  THR THR A . n 
A 1 7  ILE 7  4  4  ILE ILE A . n 
A 1 8  SER 8  5  5  SER SER A . n 
A 1 9  ARG 9  6  6  ARG ARG A . n 
A 1 10 ASP 10 7  7  ASP ASP A . n 
A 1 11 SER 11 8  8  SER SER A . n 
A 1 12 CYS 12 9  9  CYS CYS A . n 
A 1 13 PRO 13 10 10 PRO PRO A . n 
A 1 14 ALA 14 11 11 ALA ALA A . n 
A 1 15 LEU 15 12 12 LEU LEU A . n 
A 1 16 ARG 16 13 13 ARG ARG A . n 
A 1 17 ALA 17 14 14 ALA ALA A . n 
A 1 18 GLY 18 15 15 GLY GLY A . n 
A 1 19 VAL 19 16 16 VAL VAL A . n 
A 1 20 ARG 20 17 17 ARG ARG A . n 
A 1 21 LEU 21 18 18 LEU LEU A . n 
A 1 22 GLN 22 19 19 GLN GLN A . n 
A 1 23 HIS 23 20 20 HIS HIS A . n 
A 1 24 ASP 24 21 21 ASP ASP A . n 
A 1 25 ARG 25 22 22 ARG ARG A . n 
A 1 26 ALA 26 23 23 ALA ALA A . n 
A 1 27 ARG 27 24 24 ARG ARG A . n 
A 1 28 ASP 28 25 25 ASP ASP A . n 
A 1 29 GLN 29 26 26 GLN GLN A . n 
A 1 30 TRP 30 27 27 TRP TRP A . n 
A 1 31 VAL 31 28 28 VAL VAL A . n 
A 1 32 LEU 32 29 29 LEU LEU A . n 
A 1 33 LEU 33 30 30 LEU LEU A . n 
A 1 34 ALA 34 31 31 ALA ALA A . n 
A 1 35 PRO 35 32 32 PRO PRO A . n 
A 1 36 GLU 36 33 33 GLU GLU A . n 
A 1 37 ARG 37 34 34 ARG ARG A . n 
A 1 38 VAL 38 35 35 VAL VAL A . n 
A 1 39 VAL 39 36 36 VAL VAL A . n 
A 1 40 GLU 40 37 37 GLU GLU A . n 
A 1 41 LEU 41 38 38 LEU LEU A . n 
A 1 42 ASP 42 39 39 ASP ASP A . n 
A 1 43 ASP 43 40 40 ASP ASP A . n 
A 1 44 ILE 44 41 41 ILE ILE A . n 
A 1 45 ALA 45 42 42 ALA ALA A . n 
A 1 46 LEU 46 43 43 LEU LEU A . n 
A 1 47 VAL 47 44 44 VAL VAL A . n 
A 1 48 VAL 48 45 45 VAL VAL A . n 
A 1 49 ALA 49 46 46 ALA ALA A . n 
A 1 50 GLN 50 47 47 GLN GLN A . n 
A 1 51 ARG 51 48 48 ARG ARG A . n 
A 1 52 TYR 52 49 49 TYR TYR A . n 
A 1 53 ASP 53 50 50 ASP ASP A . n 
A 1 54 GLY 54 51 51 GLY GLY A . n 
A 1 55 THR 55 52 52 THR THR A . n 
A 1 56 GLN 56 53 53 GLN GLN A . n 
A 1 57 SER 57 54 54 SER SER A . n 
A 1 58 LEU 58 55 55 LEU LEU A . n 
A 1 59 ALA 59 56 56 ALA ALA A . n 
A 1 60 GLN 60 57 57 GLN GLN A . n 
A 1 61 ILE 61 58 58 ILE ILE A . n 
A 1 62 ALA 62 59 59 ALA ALA A . n 
A 1 63 GLN 63 60 60 GLN GLN A . n 
A 1 64 THR 64 61 61 THR THR A . n 
A 1 65 LEU 65 62 62 LEU LEU A . n 
A 1 66 ALA 66 63 63 ALA ALA A . n 
A 1 67 ALA 67 64 64 ALA ALA A . n 
A 1 68 GLU 68 65 65 GLU GLU A . n 
A 1 69 PHE 69 66 66 PHE PHE A . n 
A 1 70 ASP 70 67 67 ASP ASP A . n 
A 1 71 ALA 71 68 68 ALA ALA A . n 
A 1 72 ASP 72 69 69 ASP ASP A . n 
A 1 73 ALA 73 70 70 ALA ALA A . n 
A 1 74 SER 74 71 71 SER SER A . n 
A 1 75 GLU 75 72 72 GLU GLU A . n 
A 1 76 ILE 76 73 73 ILE ILE A . n 
A 1 77 GLU 77 74 74 GLU GLU A . n 
A 1 78 THR 78 75 75 THR THR A . n 
A 1 79 ASP 79 76 76 ASP ASP A . n 
A 1 80 VAL 80 77 77 VAL VAL A . n 
A 1 81 ILE 81 78 78 ILE ILE A . n 
A 1 82 GLU 82 79 79 GLU GLU A . n 
A 1 83 LEU 83 80 80 LEU LEU A . n 
A 1 84 THR 84 81 81 THR THR A . n 
A 1 85 THR 85 82 82 THR THR A . n 
A 1 86 THR 86 83 83 THR THR A . n 
A 1 87 LEU 87 84 84 LEU LEU A . n 
A 1 88 HIS 88 85 85 HIS HIS A . n 
A 1 89 GLN 89 86 86 GLN GLN A . n 
A 1 90 LYS 90 87 87 LYS LYS A . n 
A 1 91 ARG 91 88 88 ARG ARG A . n 
A 1 92 LEU 92 89 89 LEU LEU A . n 
A 1 93 LEU 93 90 90 LEU LEU A . n 
A 1 94 ARG 94 91 91 ARG ARG A . n 
A 1 95 LEU 95 92 92 LEU LEU A . n 
# 
loop_
_pdbx_nonpoly_scheme.asym_id 
_pdbx_nonpoly_scheme.entity_id 
_pdbx_nonpoly_scheme.mon_id 
_pdbx_nonpoly_scheme.ndb_seq_num 
_pdbx_nonpoly_scheme.pdb_seq_num 
_pdbx_nonpoly_scheme.auth_seq_num 
_pdbx_nonpoly_scheme.pdb_mon_id 
_pdbx_nonpoly_scheme.auth_mon_id 
_pdbx_nonpoly_scheme.pdb_strand_id 
_pdbx_nonpoly_scheme.pdb_ins_code 
B 2 PO4 1   210 210 PO4 PO4 A . 
C 3 HOH 1   100 100 HOH HOH A . 
C 3 HOH 2   101 101 HOH HOH A . 
C 3 HOH 3   102 102 HOH HOH A . 
C 3 HOH 4   103 103 HOH HOH A . 
C 3 HOH 5   104 104 HOH HOH A . 
C 3 HOH 6   105 105 HOH HOH A . 
C 3 HOH 7   106 106 HOH HOH A . 
C 3 HOH 8   107 107 HOH HOH A . 
C 3 HOH 9   108 108 HOH HOH A . 
C 3 HOH 10  109 109 HOH HOH A . 
C 3 HOH 11  110 110 HOH HOH A . 
C 3 HOH 12  111 111 HOH HOH A . 
C 3 HOH 13  112 112 HOH HOH A . 
C 3 HOH 14  113 113 HOH HOH A . 
C 3 HOH 15  114 114 HOH HOH A . 
C 3 HOH 16  115 115 HOH HOH A . 
C 3 HOH 17  116 116 HOH HOH A . 
C 3 HOH 18  117 117 HOH HOH A . 
C 3 HOH 19  118 118 HOH HOH A . 
C 3 HOH 20  119 119 HOH HOH A . 
C 3 HOH 21  120 120 HOH HOH A . 
C 3 HOH 22  121 121 HOH HOH A . 
C 3 HOH 23  122 122 HOH HOH A . 
C 3 HOH 24  123 123 HOH HOH A . 
C 3 HOH 25  124 124 HOH HOH A . 
C 3 HOH 26  125 125 HOH HOH A . 
C 3 HOH 27  126 126 HOH HOH A . 
C 3 HOH 28  127 127 HOH HOH A . 
C 3 HOH 29  128 128 HOH HOH A . 
C 3 HOH 30  129 129 HOH HOH A . 
C 3 HOH 31  130 130 HOH HOH A . 
C 3 HOH 32  131 131 HOH HOH A . 
C 3 HOH 33  132 132 HOH HOH A . 
C 3 HOH 34  133 133 HOH HOH A . 
C 3 HOH 35  134 134 HOH HOH A . 
C 3 HOH 36  135 135 HOH HOH A . 
C 3 HOH 37  136 136 HOH HOH A . 
C 3 HOH 38  137 137 HOH HOH A . 
C 3 HOH 39  138 138 HOH HOH A . 
C 3 HOH 40  139 139 HOH HOH A . 
C 3 HOH 41  140 140 HOH HOH A . 
C 3 HOH 42  141 141 HOH HOH A . 
C 3 HOH 43  142 142 HOH HOH A . 
C 3 HOH 44  143 143 HOH HOH A . 
C 3 HOH 45  144 144 HOH HOH A . 
C 3 HOH 46  145 145 HOH HOH A . 
C 3 HOH 47  146 146 HOH HOH A . 
C 3 HOH 48  147 147 HOH HOH A . 
C 3 HOH 49  148 148 HOH HOH A . 
C 3 HOH 50  149 149 HOH HOH A . 
C 3 HOH 51  150 150 HOH HOH A . 
C 3 HOH 52  151 151 HOH HOH A . 
C 3 HOH 53  152 152 HOH HOH A . 
C 3 HOH 54  153 153 HOH HOH A . 
C 3 HOH 55  154 154 HOH HOH A . 
C 3 HOH 56  155 155 HOH HOH A . 
C 3 HOH 57  156 156 HOH HOH A . 
C 3 HOH 58  157 157 HOH HOH A . 
C 3 HOH 59  158 158 HOH HOH A . 
C 3 HOH 60  160 160 HOH HOH A . 
C 3 HOH 61  161 161 HOH HOH A . 
C 3 HOH 62  162 162 HOH HOH A . 
C 3 HOH 63  163 163 HOH HOH A . 
C 3 HOH 64  164 164 HOH HOH A . 
C 3 HOH 65  165 165 HOH HOH A . 
C 3 HOH 66  166 166 HOH HOH A . 
C 3 HOH 67  167 167 HOH HOH A . 
C 3 HOH 68  168 168 HOH HOH A . 
C 3 HOH 69  169 169 HOH HOH A . 
C 3 HOH 70  170 170 HOH HOH A . 
C 3 HOH 71  171 171 HOH HOH A . 
C 3 HOH 72  172 172 HOH HOH A . 
C 3 HOH 73  173 173 HOH HOH A . 
C 3 HOH 74  174 174 HOH HOH A . 
C 3 HOH 75  175 175 HOH HOH A . 
C 3 HOH 76  176 176 HOH HOH A . 
C 3 HOH 77  177 177 HOH HOH A . 
C 3 HOH 78  178 178 HOH HOH A . 
C 3 HOH 79  179 179 HOH HOH A . 
C 3 HOH 80  180 180 HOH HOH A . 
C 3 HOH 81  181 181 HOH HOH A . 
C 3 HOH 82  182 182 HOH HOH A . 
C 3 HOH 83  183 183 HOH HOH A . 
C 3 HOH 84  184 184 HOH HOH A . 
C 3 HOH 85  185 185 HOH HOH A . 
C 3 HOH 86  186 186 HOH HOH A . 
C 3 HOH 87  187 187 HOH HOH A . 
C 3 HOH 88  188 188 HOH HOH A . 
C 3 HOH 89  189 189 HOH HOH A . 
C 3 HOH 90  190 190 HOH HOH A . 
C 3 HOH 91  191 191 HOH HOH A . 
C 3 HOH 92  193 193 HOH HOH A . 
C 3 HOH 93  194 194 HOH HOH A . 
C 3 HOH 94  195 195 HOH HOH A . 
C 3 HOH 95  196 196 HOH HOH A . 
C 3 HOH 96  197 197 HOH HOH A . 
C 3 HOH 97  198 198 HOH HOH A . 
C 3 HOH 98  199 199 HOH HOH A . 
C 3 HOH 99  211 211 HOH HOH A . 
C 3 HOH 100 212 212 HOH HOH A . 
C 3 HOH 101 213 213 HOH HOH A . 
C 3 HOH 102 214 214 HOH HOH A . 
C 3 HOH 103 215 215 HOH HOH A . 
# 
loop_
_software.name 
_software.classification 
_software.version 
_software.citation_id 
_software.pdbx_ordinal 
HKL-2000 'data collection' .   ? 1 
SOLVE    phasing           .   ? 2 
CNS      refinement        1.2 ? 3 
HKL-2000 'data reduction'  .   ? 4 
HKL-2000 'data scaling'    .   ? 5 
# 
_cell.entry_id           3G2B 
_cell.length_a           26.900 
_cell.length_b           66.250 
_cell.length_c           93.880 
_cell.angle_alpha        90.00 
_cell.angle_beta         90.00 
_cell.angle_gamma        90.00 
_cell.Z_PDB              8 
_cell.pdbx_unique_axis   ? 
_cell.length_a_esd       ? 
_cell.length_b_esd       ? 
_cell.length_c_esd       ? 
_cell.angle_alpha_esd    ? 
_cell.angle_beta_esd     ? 
_cell.angle_gamma_esd    ? 
# 
_symmetry.entry_id                         3G2B 
_symmetry.space_group_name_H-M             'C 2 2 21' 
_symmetry.pdbx_full_space_group_name_H-M   ? 
_symmetry.cell_setting                     ? 
_symmetry.Int_Tables_number                20 
_symmetry.space_group_name_Hall            ? 
# 
_exptl.entry_id          3G2B 
_exptl.method            'X-RAY DIFFRACTION' 
_exptl.crystals_number   1 
# 
_exptl_crystal.id                    1 
_exptl_crystal.density_meas          ? 
_exptl_crystal.density_Matthews      1.98 
_exptl_crystal.density_percent_sol   37.75 
_exptl_crystal.description           ? 
_exptl_crystal.F_000                 ? 
_exptl_crystal.preparation           ? 
# 
_exptl_crystal_grow.crystal_id      1 
_exptl_crystal_grow.method          'VAPOR DIFFUSION, HANGING DROP' 
_exptl_crystal_grow.temp            296 
_exptl_crystal_grow.temp_details    ? 
_exptl_crystal_grow.pH              8.0 
_exptl_crystal_grow.pdbx_pH_range   ? 
_exptl_crystal_grow.pdbx_details    '1.6M ammonium sulfate, 0.1M Tris pH 8.5, VAPOR DIFFUSION, HANGING DROP, temperature 296K' 
# 
_diffrn.id                     1 
_diffrn.ambient_temp           100 
_diffrn.ambient_temp_details   ? 
_diffrn.crystal_id             1 
# 
_diffrn_detector.diffrn_id              1 
_diffrn_detector.detector               CCD 
_diffrn_detector.type                   'ADSC QUANTUM 315' 
_diffrn_detector.pdbx_collection_date   ? 
_diffrn_detector.details                ? 
# 
_diffrn_radiation.diffrn_id                        1 
_diffrn_radiation.wavelength_id                    1 
_diffrn_radiation.pdbx_monochromatic_or_laue_m_l   M 
_diffrn_radiation.monochromator                    ? 
_diffrn_radiation.pdbx_diffrn_protocol             MAD 
_diffrn_radiation.pdbx_scattering_type             x-ray 
# 
loop_
_diffrn_radiation_wavelength.id 
_diffrn_radiation_wavelength.wavelength 
_diffrn_radiation_wavelength.wt 
1 0.97907 1.0 
2 0.96370 1.0 
3 0.976   1.0 
# 
_diffrn_source.diffrn_id                   1 
_diffrn_source.source                      SYNCHROTRON 
_diffrn_source.type                        'NSRRC BEAMLINE BL13B1' 
_diffrn_source.pdbx_synchrotron_site       NSRRC 
_diffrn_source.pdbx_synchrotron_beamline   BL13B1 
_diffrn_source.pdbx_wavelength             ? 
_diffrn_source.pdbx_wavelength_list        '0.97907, 0.96370, 0.976' 
# 
_reflns.entry_id                     3G2B 
_reflns.observed_criterion_sigma_I   -3 
_reflns.observed_criterion_sigma_F   0 
_reflns.d_resolution_low             30 
_reflns.d_resolution_high            1.53 
_reflns.number_obs                   10203 
_reflns.number_all                   ? 
_reflns.percent_possible_obs         98.1 
_reflns.pdbx_Rmerge_I_obs            ? 
_reflns.pdbx_Rsym_value              ? 
_reflns.pdbx_netI_over_sigmaI        20.541 
_reflns.B_iso_Wilson_estimate        22.1 
_reflns.pdbx_redundancy              4.6 
_reflns.R_free_details               ? 
_reflns.limit_h_max                  ? 
_reflns.limit_h_min                  ? 
_reflns.limit_k_max                  ? 
_reflns.limit_k_min                  ? 
_reflns.limit_l_max                  ? 
_reflns.limit_l_min                  ? 
_reflns.observed_criterion_F_max     ? 
_reflns.observed_criterion_F_min     ? 
_reflns.pdbx_chi_squared             ? 
_reflns.pdbx_scaling_rejects         ? 
_reflns.pdbx_diffrn_id               1 
_reflns.pdbx_ordinal                 1 
# 
_reflns_shell.d_res_high             1.53 
_reflns_shell.d_res_low              1.58 
_reflns_shell.percent_possible_all   99.1 
_reflns_shell.Rmerge_I_obs           ? 
_reflns_shell.pdbx_Rsym_value        ? 
_reflns_shell.meanI_over_sigI_obs    ? 
_reflns_shell.pdbx_redundancy        ? 
_reflns_shell.percent_possible_obs   ? 
_reflns_shell.number_unique_all      ? 
_reflns_shell.number_measured_all    ? 
_reflns_shell.number_measured_obs    ? 
_reflns_shell.number_unique_obs      ? 
_reflns_shell.pdbx_chi_squared       ? 
_reflns_shell.pdbx_diffrn_id         ? 
_reflns_shell.pdbx_ordinal           1 
# 
_refine.pdbx_refine_id                           'X-RAY DIFFRACTION' 
_refine.entry_id                                 3G2B 
_refine.ls_d_res_high                            1.660 
_refine.ls_d_res_low                             19.50 
_refine.pdbx_ls_sigma_F                          0.00 
_refine.ls_percent_reflns_obs                    96.700 
_refine.ls_number_reflns_obs                     9977 
_refine.ls_R_factor_R_work                       0.196 
_refine.ls_R_factor_R_free                       0.228 
_refine.ls_percent_reflns_R_free                 5.100 
_refine.ls_number_reflns_R_free                  529 
_refine.ls_number_reflns_R_work                  9448 
_refine.B_iso_mean                               17.550 
_refine.solvent_model_param_bsol                 45.722 
_refine.aniso_B[1][1]                            0.362 
_refine.aniso_B[2][2]                            0.712 
_refine.aniso_B[3][3]                            -1.074 
_refine.aniso_B[1][2]                            0.000 
_refine.aniso_B[1][3]                            0.000 
_refine.aniso_B[2][3]                            0.000 
_refine.B_iso_max                                50.96 
_refine.B_iso_min                                7.53 
_refine.occupancy_max                            1.00 
_refine.occupancy_min                            1.00 
_refine.solvent_model_details                    'FLAT MODEL' 
_refine.pdbx_ls_cross_valid_method               THROUGHOUT 
_refine.details                                  'BULK SOLVENT MODEL USED' 
_refine.pdbx_starting_model                      ? 
_refine.pdbx_method_to_determine_struct          MAD 
_refine.pdbx_isotropic_thermal_model             RESTRAINED 
_refine.pdbx_stereochemistry_target_values       'Engh & Huber' 
_refine.pdbx_R_Free_selection_details            RANDOM 
_refine.ls_R_factor_all                          ? 
_refine.ls_R_factor_obs                          ? 
_refine.ls_number_reflns_all                     ? 
_refine.pdbx_ls_sigma_I                          ? 
_refine.ls_redundancy_reflns_obs                 ? 
_refine.pdbx_data_cutoff_high_absF               ? 
_refine.pdbx_data_cutoff_low_absF                ? 
_refine.ls_number_parameters                     ? 
_refine.ls_number_restraints                     ? 
_refine.ls_R_factor_R_free_error                 ? 
_refine.ls_R_factor_R_free_error_details         ? 
_refine.pdbx_stereochem_target_val_spec_case     ? 
_refine.solvent_model_param_ksol                 ? 
_refine.overall_SU_B                             ? 
_refine.overall_SU_ML                            ? 
_refine.pdbx_overall_ESU_R                       ? 
_refine.pdbx_overall_ESU_R_Free                  ? 
_refine.pdbx_data_cutoff_high_rms_absF           ? 
_refine.pdbx_overall_phase_error                 ? 
_refine.correlation_coeff_Fo_to_Fc               ? 
_refine.correlation_coeff_Fo_to_Fc_free          ? 
_refine.pdbx_solvent_vdw_probe_radii             ? 
_refine.pdbx_solvent_ion_probe_radii             ? 
_refine.pdbx_solvent_shrinkage_radii             ? 
_refine.overall_SU_R_Cruickshank_DPI             ? 
_refine.overall_SU_R_free                        ? 
_refine.ls_wR_factor_R_free                      ? 
_refine.ls_wR_factor_R_work                      ? 
_refine.overall_FOM_free_R_set                   ? 
_refine.overall_FOM_work_R_set                   ? 
_refine.pdbx_diffrn_id                           1 
_refine.pdbx_TLS_residual_ADP_flag               ? 
_refine.pdbx_overall_SU_R_free_Cruickshank_DPI   ? 
_refine.pdbx_overall_SU_R_Blow_DPI               ? 
_refine.pdbx_overall_SU_R_free_Blow_DPI          ? 
# 
_refine_analyze.pdbx_refine_id                  'X-RAY DIFFRACTION' 
_refine_analyze.entry_id                        3G2B 
_refine_analyze.Luzzati_coordinate_error_obs    0.18 
_refine_analyze.Luzzati_sigma_a_obs             0.11 
_refine_analyze.Luzzati_d_res_low_obs           5.00 
_refine_analyze.Luzzati_coordinate_error_free   0.21 
_refine_analyze.Luzzati_sigma_a_free            0.14 
_refine_analyze.Luzzati_d_res_low_free          ? 
_refine_analyze.number_disordered_residues      ? 
_refine_analyze.occupancy_sum_hydrogen          ? 
_refine_analyze.occupancy_sum_non_hydrogen      ? 
_refine_analyze.pdbx_Luzzati_d_res_high_obs     ? 
# 
_refine_hist.pdbx_refine_id                   'X-RAY DIFFRACTION' 
_refine_hist.cycle_id                         LAST 
_refine_hist.pdbx_number_atoms_protein        709 
_refine_hist.pdbx_number_atoms_nucleic_acid   0 
_refine_hist.pdbx_number_atoms_ligand         5 
_refine_hist.number_atoms_solvent             103 
_refine_hist.number_atoms_total               817 
_refine_hist.d_res_high                       1.660 
_refine_hist.d_res_low                        19.50 
# 
loop_
_refine_ls_restr.type 
_refine_ls_restr.number 
_refine_ls_restr.dev_ideal 
_refine_ls_restr.dev_ideal_target 
_refine_ls_restr.weight 
_refine_ls_restr.pdbx_refine_id 
_refine_ls_restr.pdbx_restraint_function 
c_bond_d    ? 0.005 ? ? 'X-RAY DIFFRACTION' ? 
c_angle_deg ? 1.175 ? ? 'X-RAY DIFFRACTION' ? 
# 
loop_
_pdbx_xplor_file.pdbx_refine_id 
_pdbx_xplor_file.serial_no 
_pdbx_xplor_file.param_file 
_pdbx_xplor_file.topol_file 
'X-RAY DIFFRACTION' 1 protein_rep.param protein.top 
'X-RAY DIFFRACTION' 2 water_rep.param   water.top   
'X-RAY DIFFRACTION' 3 po4_par.txt       po4_top.txt 
# 
_struct.entry_id                  3G2B 
_struct.title                     'crystal structure of PqqD from xanthomonas campestris' 
_struct.pdbx_model_details        ? 
_struct.pdbx_CASP_flag            ? 
_struct.pdbx_model_type_details   ? 
# 
_struct_keywords.entry_id        3G2B 
_struct_keywords.pdbx_keywords   'BIOSYNTHETIC PROTEIN' 
_struct_keywords.text            'helix-turn-helix, PQQ biosynthesis, BIOSYNTHETIC PROTEIN' 
# 
loop_
_struct_asym.id 
_struct_asym.pdbx_blank_PDB_chainid_flag 
_struct_asym.pdbx_modified 
_struct_asym.entity_id 
_struct_asym.details 
A N N 1 ? 
B N N 2 ? 
C N N 3 ? 
# 
_struct_ref.id                         1 
_struct_ref.db_name                    UNP 
_struct_ref.db_code                    PQQD_XANCP 
_struct_ref.pdbx_db_accession          Q8P6M8 
_struct_ref.entity_id                  1 
_struct_ref.pdbx_seq_one_letter_code   
;MSTISRDSCPALRAGVRLQHDRARDQWVLLAPERVVELDDIALVVAQRYDGTQSLAQIAQTLAAEFDADASEIETDVIEL
TTTLHQKRLLRL
;
_struct_ref.pdbx_align_begin           1 
_struct_ref.pdbx_db_isoform            ? 
# 
_struct_ref_seq.align_id                      1 
_struct_ref_seq.ref_id                        1 
_struct_ref_seq.pdbx_PDB_id_code              3G2B 
_struct_ref_seq.pdbx_strand_id                A 
_struct_ref_seq.seq_align_beg                 4 
_struct_ref_seq.pdbx_seq_align_beg_ins_code   ? 
_struct_ref_seq.seq_align_end                 95 
_struct_ref_seq.pdbx_seq_align_end_ins_code   ? 
_struct_ref_seq.pdbx_db_accession             Q8P6M8 
_struct_ref_seq.db_align_beg                  1 
_struct_ref_seq.pdbx_db_align_beg_ins_code    ? 
_struct_ref_seq.db_align_end                  92 
_struct_ref_seq.pdbx_db_align_end_ins_code    ? 
_struct_ref_seq.pdbx_auth_seq_align_beg       1 
_struct_ref_seq.pdbx_auth_seq_align_end       92 
# 
loop_
_struct_ref_seq_dif.align_id 
_struct_ref_seq_dif.pdbx_pdb_id_code 
_struct_ref_seq_dif.mon_id 
_struct_ref_seq_dif.pdbx_pdb_strand_id 
_struct_ref_seq_dif.seq_num 
_struct_ref_seq_dif.pdbx_pdb_ins_code 
_struct_ref_seq_dif.pdbx_seq_db_name 
_struct_ref_seq_dif.pdbx_seq_db_accession_code 
_struct_ref_seq_dif.db_mon_id 
_struct_ref_seq_dif.pdbx_seq_db_seq_num 
_struct_ref_seq_dif.details 
_struct_ref_seq_dif.pdbx_auth_seq_num 
_struct_ref_seq_dif.pdbx_ordinal 
1 3G2B SER A 1 ? UNP Q8P6M8 ? ? 'expression tag' -2 1 
1 3G2B ASN A 2 ? UNP Q8P6M8 ? ? 'expression tag' -1 2 
1 3G2B ALA A 3 ? UNP Q8P6M8 ? ? 'expression tag' 0  3 
# 
_pdbx_struct_assembly.id                   1 
_pdbx_struct_assembly.details              software_defined_assembly 
_pdbx_struct_assembly.method_details       PISA 
_pdbx_struct_assembly.oligomeric_details   dimeric 
_pdbx_struct_assembly.oligomeric_count     2 
# 
loop_
_pdbx_struct_assembly_prop.biol_id 
_pdbx_struct_assembly_prop.type 
_pdbx_struct_assembly_prop.value 
_pdbx_struct_assembly_prop.details 
1 'ABSA (A^2)' 5270  ? 
1 MORE         -41   ? 
1 'SSA (A^2)'  10570 ? 
# 
_pdbx_struct_assembly_gen.assembly_id       1 
_pdbx_struct_assembly_gen.oper_expression   1,2 
_pdbx_struct_assembly_gen.asym_id_list      A,B,C 
# 
loop_
_pdbx_struct_oper_list.id 
_pdbx_struct_oper_list.type 
_pdbx_struct_oper_list.name 
_pdbx_struct_oper_list.symmetry_operation 
_pdbx_struct_oper_list.matrix[1][1] 
_pdbx_struct_oper_list.matrix[1][2] 
_pdbx_struct_oper_list.matrix[1][3] 
_pdbx_struct_oper_list.vector[1] 
_pdbx_struct_oper_list.matrix[2][1] 
_pdbx_struct_oper_list.matrix[2][2] 
_pdbx_struct_oper_list.matrix[2][3] 
_pdbx_struct_oper_list.vector[2] 
_pdbx_struct_oper_list.matrix[3][1] 
_pdbx_struct_oper_list.matrix[3][2] 
_pdbx_struct_oper_list.matrix[3][3] 
_pdbx_struct_oper_list.vector[3] 
1 'identity operation'         1_555 x,y,z         1.0000000000  0.0000000000  0.0000000000 0.0000000000 0.0000000000  1.0000000000  0.0000000000  0.0000000000  0.0000000000 0.0000000000  1.0000000000  0.0000000000   
2 'crystal symmetry operation' 3_455 -x-1,y,-z+1/2 -0.0386162355 -0.8022569390 0.5957286213 0.1722259120 -0.8022569390 -0.3305314486 -0.4971244968 -9.2357841735 0.5957286213 -0.4971244968 -0.6308523159 -12.7156004684 
# 
_struct_biol.id        1 
_struct_biol.details   'AUTHOR DETERMINED BIOLOGICAL UNIT: UNKNOWN' 
# 
loop_
_struct_conf.conf_type_id 
_struct_conf.id 
_struct_conf.pdbx_PDB_helix_id 
_struct_conf.beg_label_comp_id 
_struct_conf.beg_label_asym_id 
_struct_conf.beg_label_seq_id 
_struct_conf.pdbx_beg_PDB_ins_code 
_struct_conf.end_label_comp_id 
_struct_conf.end_label_asym_id 
_struct_conf.end_label_seq_id 
_struct_conf.pdbx_end_PDB_ins_code 
_struct_conf.beg_auth_comp_id 
_struct_conf.beg_auth_asym_id 
_struct_conf.beg_auth_seq_id 
_struct_conf.end_auth_comp_id 
_struct_conf.end_auth_asym_id 
_struct_conf.end_auth_seq_id 
_struct_conf.pdbx_PDB_helix_class 
_struct_conf.details 
_struct_conf.pdbx_PDB_helix_length 
HELX_P HELX_P1 1 ASP A 43 ? TYR A 52 ? ASP A 40 TYR A 49 1 ? 10 
HELX_P HELX_P2 2 SER A 57 ? PHE A 69 ? SER A 54 PHE A 66 1 ? 13 
HELX_P HELX_P3 3 ASP A 72 ? LYS A 90 ? ASP A 69 LYS A 87 1 ? 19 
# 
_struct_conf_type.id          HELX_P 
_struct_conf_type.criteria    ? 
_struct_conf_type.reference   ? 
# 
_struct_sheet.id               A 
_struct_sheet.type             ? 
_struct_sheet.number_strands   2 
_struct_sheet.details          ? 
# 
_struct_sheet_order.sheet_id     A 
_struct_sheet_order.range_id_1   1 
_struct_sheet_order.range_id_2   2 
_struct_sheet_order.offset       ? 
_struct_sheet_order.sense        anti-parallel 
# 
loop_
_struct_sheet_range.sheet_id 
_struct_sheet_range.id 
_struct_sheet_range.beg_label_comp_id 
_struct_sheet_range.beg_label_asym_id 
_struct_sheet_range.beg_label_seq_id 
_struct_sheet_range.pdbx_beg_PDB_ins_code 
_struct_sheet_range.end_label_comp_id 
_struct_sheet_range.end_label_asym_id 
_struct_sheet_range.end_label_seq_id 
_struct_sheet_range.pdbx_end_PDB_ins_code 
_struct_sheet_range.beg_auth_comp_id 
_struct_sheet_range.beg_auth_asym_id 
_struct_sheet_range.beg_auth_seq_id 
_struct_sheet_range.end_auth_comp_id 
_struct_sheet_range.end_auth_asym_id 
_struct_sheet_range.end_auth_seq_id 
A 1 ARG A 20 ? ASP A 24 ? ARG A 17 ASP A 21 
A 2 GLN A 29 ? LEU A 33 ? GLN A 26 LEU A 30 
# 
_pdbx_struct_sheet_hbond.sheet_id                A 
_pdbx_struct_sheet_hbond.range_id_1              1 
_pdbx_struct_sheet_hbond.range_id_2              2 
_pdbx_struct_sheet_hbond.range_1_label_atom_id   N 
_pdbx_struct_sheet_hbond.range_1_label_comp_id   GLN 
_pdbx_struct_sheet_hbond.range_1_label_asym_id   A 
_pdbx_struct_sheet_hbond.range_1_label_seq_id    22 
_pdbx_struct_sheet_hbond.range_1_PDB_ins_code    ? 
_pdbx_struct_sheet_hbond.range_1_auth_atom_id    N 
_pdbx_struct_sheet_hbond.range_1_auth_comp_id    GLN 
_pdbx_struct_sheet_hbond.range_1_auth_asym_id    A 
_pdbx_struct_sheet_hbond.range_1_auth_seq_id     19 
_pdbx_struct_sheet_hbond.range_2_label_atom_id   O 
_pdbx_struct_sheet_hbond.range_2_label_comp_id   VAL 
_pdbx_struct_sheet_hbond.range_2_label_asym_id   A 
_pdbx_struct_sheet_hbond.range_2_label_seq_id    31 
_pdbx_struct_sheet_hbond.range_2_PDB_ins_code    ? 
_pdbx_struct_sheet_hbond.range_2_auth_atom_id    O 
_pdbx_struct_sheet_hbond.range_2_auth_comp_id    VAL 
_pdbx_struct_sheet_hbond.range_2_auth_asym_id    A 
_pdbx_struct_sheet_hbond.range_2_auth_seq_id     28 
# 
_struct_site.id                   AC1 
_struct_site.pdbx_evidence_code   Software 
_struct_site.pdbx_auth_asym_id    A 
_struct_site.pdbx_auth_comp_id    PO4 
_struct_site.pdbx_auth_seq_id     210 
_struct_site.pdbx_auth_ins_code   ? 
_struct_site.pdbx_num_residues    8 
_struct_site.details              'BINDING SITE FOR RESIDUE PO4 A 210' 
# 
loop_
_struct_site_gen.id 
_struct_site_gen.site_id 
_struct_site_gen.pdbx_num_res 
_struct_site_gen.label_comp_id 
_struct_site_gen.label_asym_id 
_struct_site_gen.label_seq_id 
_struct_site_gen.pdbx_auth_ins_code 
_struct_site_gen.auth_comp_id 
_struct_site_gen.auth_asym_id 
_struct_site_gen.auth_seq_id 
_struct_site_gen.label_atom_id 
_struct_site_gen.label_alt_id 
_struct_site_gen.symmetry 
_struct_site_gen.details 
1 AC1 8 ARG A 16 ? ARG A 13  . ? 1_555 ? 
2 AC1 8 ARG A 37 ? ARG A 34  . ? 1_555 ? 
3 AC1 8 LYS A 90 ? LYS A 87  . ? 1_555 ? 
4 AC1 8 ARG A 91 ? ARG A 88  . ? 3_455 ? 
5 AC1 8 HOH C .  ? HOH A 128 . ? 3_455 ? 
6 AC1 8 HOH C .  ? HOH A 180 . ? 1_555 ? 
7 AC1 8 HOH C .  ? HOH A 183 . ? 1_555 ? 
8 AC1 8 HOH C .  ? HOH A 191 . ? 1_555 ? 
# 
loop_
_pdbx_validate_torsion.id 
_pdbx_validate_torsion.PDB_model_num 
_pdbx_validate_torsion.auth_comp_id 
_pdbx_validate_torsion.auth_asym_id 
_pdbx_validate_torsion.auth_seq_id 
_pdbx_validate_torsion.PDB_ins_code 
_pdbx_validate_torsion.label_alt_id 
_pdbx_validate_torsion.phi 
_pdbx_validate_torsion.psi 
1 1 ASP A 40 ? ? 50.70   -120.21 
2 1 ASP A 50 ? ? -147.24 15.56   
3 1 THR A 52 ? ? -132.88 -57.93  
# 
loop_
_pdbx_unobs_or_zero_occ_residues.id 
_pdbx_unobs_or_zero_occ_residues.PDB_model_num 
_pdbx_unobs_or_zero_occ_residues.polymer_flag 
_pdbx_unobs_or_zero_occ_residues.occupancy_flag 
_pdbx_unobs_or_zero_occ_residues.auth_asym_id 
_pdbx_unobs_or_zero_occ_residues.auth_comp_id 
_pdbx_unobs_or_zero_occ_residues.auth_seq_id 
_pdbx_unobs_or_zero_occ_residues.PDB_ins_code 
_pdbx_unobs_or_zero_occ_residues.label_asym_id 
_pdbx_unobs_or_zero_occ_residues.label_comp_id 
_pdbx_unobs_or_zero_occ_residues.label_seq_id 
1 1 Y 1 A SER -2 ? A SER 1 
2 1 Y 1 A ASN -1 ? A ASN 2 
3 1 Y 1 A ALA 0  ? A ALA 3 
4 1 Y 1 A MET 1  ? A MET 4 
5 1 Y 1 A SER 2  ? A SER 5 
# 
loop_
_chem_comp_atom.comp_id 
_chem_comp_atom.atom_id 
_chem_comp_atom.type_symbol 
_chem_comp_atom.pdbx_aromatic_flag 
_chem_comp_atom.pdbx_stereo_config 
_chem_comp_atom.pdbx_ordinal 
ALA N    N N N 1   
ALA CA   C N S 2   
ALA C    C N N 3   
ALA O    O N N 4   
ALA CB   C N N 5   
ALA OXT  O N N 6   
ALA H    H N N 7   
ALA H2   H N N 8   
ALA HA   H N N 9   
ALA HB1  H N N 10  
ALA HB2  H N N 11  
ALA HB3  H N N 12  
ALA HXT  H N N 13  
ARG N    N N N 14  
ARG CA   C N S 15  
ARG C    C N N 16  
ARG O    O N N 17  
ARG CB   C N N 18  
ARG CG   C N N 19  
ARG CD   C N N 20  
ARG NE   N N N 21  
ARG CZ   C N N 22  
ARG NH1  N N N 23  
ARG NH2  N N N 24  
ARG OXT  O N N 25  
ARG H    H N N 26  
ARG H2   H N N 27  
ARG HA   H N N 28  
ARG HB2  H N N 29  
ARG HB3  H N N 30  
ARG HG2  H N N 31  
ARG HG3  H N N 32  
ARG HD2  H N N 33  
ARG HD3  H N N 34  
ARG HE   H N N 35  
ARG HH11 H N N 36  
ARG HH12 H N N 37  
ARG HH21 H N N 38  
ARG HH22 H N N 39  
ARG HXT  H N N 40  
ASN N    N N N 41  
ASN CA   C N S 42  
ASN C    C N N 43  
ASN O    O N N 44  
ASN CB   C N N 45  
ASN CG   C N N 46  
ASN OD1  O N N 47  
ASN ND2  N N N 48  
ASN OXT  O N N 49  
ASN H    H N N 50  
ASN H2   H N N 51  
ASN HA   H N N 52  
ASN HB2  H N N 53  
ASN HB3  H N N 54  
ASN HD21 H N N 55  
ASN HD22 H N N 56  
ASN HXT  H N N 57  
ASP N    N N N 58  
ASP CA   C N S 59  
ASP C    C N N 60  
ASP O    O N N 61  
ASP CB   C N N 62  
ASP CG   C N N 63  
ASP OD1  O N N 64  
ASP OD2  O N N 65  
ASP OXT  O N N 66  
ASP H    H N N 67  
ASP H2   H N N 68  
ASP HA   H N N 69  
ASP HB2  H N N 70  
ASP HB3  H N N 71  
ASP HD2  H N N 72  
ASP HXT  H N N 73  
CYS N    N N N 74  
CYS CA   C N R 75  
CYS C    C N N 76  
CYS O    O N N 77  
CYS CB   C N N 78  
CYS SG   S N N 79  
CYS OXT  O N N 80  
CYS H    H N N 81  
CYS H2   H N N 82  
CYS HA   H N N 83  
CYS HB2  H N N 84  
CYS HB3  H N N 85  
CYS HG   H N N 86  
CYS HXT  H N N 87  
GLN N    N N N 88  
GLN CA   C N S 89  
GLN C    C N N 90  
GLN O    O N N 91  
GLN CB   C N N 92  
GLN CG   C N N 93  
GLN CD   C N N 94  
GLN OE1  O N N 95  
GLN NE2  N N N 96  
GLN OXT  O N N 97  
GLN H    H N N 98  
GLN H2   H N N 99  
GLN HA   H N N 100 
GLN HB2  H N N 101 
GLN HB3  H N N 102 
GLN HG2  H N N 103 
GLN HG3  H N N 104 
GLN HE21 H N N 105 
GLN HE22 H N N 106 
GLN HXT  H N N 107 
GLU N    N N N 108 
GLU CA   C N S 109 
GLU C    C N N 110 
GLU O    O N N 111 
GLU CB   C N N 112 
GLU CG   C N N 113 
GLU CD   C N N 114 
GLU OE1  O N N 115 
GLU OE2  O N N 116 
GLU OXT  O N N 117 
GLU H    H N N 118 
GLU H2   H N N 119 
GLU HA   H N N 120 
GLU HB2  H N N 121 
GLU HB3  H N N 122 
GLU HG2  H N N 123 
GLU HG3  H N N 124 
GLU HE2  H N N 125 
GLU HXT  H N N 126 
GLY N    N N N 127 
GLY CA   C N N 128 
GLY C    C N N 129 
GLY O    O N N 130 
GLY OXT  O N N 131 
GLY H    H N N 132 
GLY H2   H N N 133 
GLY HA2  H N N 134 
GLY HA3  H N N 135 
GLY HXT  H N N 136 
HIS N    N N N 137 
HIS CA   C N S 138 
HIS C    C N N 139 
HIS O    O N N 140 
HIS CB   C N N 141 
HIS CG   C Y N 142 
HIS ND1  N Y N 143 
HIS CD2  C Y N 144 
HIS CE1  C Y N 145 
HIS NE2  N Y N 146 
HIS OXT  O N N 147 
HIS H    H N N 148 
HIS H2   H N N 149 
HIS HA   H N N 150 
HIS HB2  H N N 151 
HIS HB3  H N N 152 
HIS HD1  H N N 153 
HIS HD2  H N N 154 
HIS HE1  H N N 155 
HIS HE2  H N N 156 
HIS HXT  H N N 157 
HOH O    O N N 158 
HOH H1   H N N 159 
HOH H2   H N N 160 
ILE N    N N N 161 
ILE CA   C N S 162 
ILE C    C N N 163 
ILE O    O N N 164 
ILE CB   C N S 165 
ILE CG1  C N N 166 
ILE CG2  C N N 167 
ILE CD1  C N N 168 
ILE OXT  O N N 169 
ILE H    H N N 170 
ILE H2   H N N 171 
ILE HA   H N N 172 
ILE HB   H N N 173 
ILE HG12 H N N 174 
ILE HG13 H N N 175 
ILE HG21 H N N 176 
ILE HG22 H N N 177 
ILE HG23 H N N 178 
ILE HD11 H N N 179 
ILE HD12 H N N 180 
ILE HD13 H N N 181 
ILE HXT  H N N 182 
LEU N    N N N 183 
LEU CA   C N S 184 
LEU C    C N N 185 
LEU O    O N N 186 
LEU CB   C N N 187 
LEU CG   C N N 188 
LEU CD1  C N N 189 
LEU CD2  C N N 190 
LEU OXT  O N N 191 
LEU H    H N N 192 
LEU H2   H N N 193 
LEU HA   H N N 194 
LEU HB2  H N N 195 
LEU HB3  H N N 196 
LEU HG   H N N 197 
LEU HD11 H N N 198 
LEU HD12 H N N 199 
LEU HD13 H N N 200 
LEU HD21 H N N 201 
LEU HD22 H N N 202 
LEU HD23 H N N 203 
LEU HXT  H N N 204 
LYS N    N N N 205 
LYS CA   C N S 206 
LYS C    C N N 207 
LYS O    O N N 208 
LYS CB   C N N 209 
LYS CG   C N N 210 
LYS CD   C N N 211 
LYS CE   C N N 212 
LYS NZ   N N N 213 
LYS OXT  O N N 214 
LYS H    H N N 215 
LYS H2   H N N 216 
LYS HA   H N N 217 
LYS HB2  H N N 218 
LYS HB3  H N N 219 
LYS HG2  H N N 220 
LYS HG3  H N N 221 
LYS HD2  H N N 222 
LYS HD3  H N N 223 
LYS HE2  H N N 224 
LYS HE3  H N N 225 
LYS HZ1  H N N 226 
LYS HZ2  H N N 227 
LYS HZ3  H N N 228 
LYS HXT  H N N 229 
MET N    N N N 230 
MET CA   C N S 231 
MET C    C N N 232 
MET O    O N N 233 
MET CB   C N N 234 
MET CG   C N N 235 
MET SD   S N N 236 
MET CE   C N N 237 
MET OXT  O N N 238 
MET H    H N N 239 
MET H2   H N N 240 
MET HA   H N N 241 
MET HB2  H N N 242 
MET HB3  H N N 243 
MET HG2  H N N 244 
MET HG3  H N N 245 
MET HE1  H N N 246 
MET HE2  H N N 247 
MET HE3  H N N 248 
MET HXT  H N N 249 
PHE N    N N N 250 
PHE CA   C N S 251 
PHE C    C N N 252 
PHE O    O N N 253 
PHE CB   C N N 254 
PHE CG   C Y N 255 
PHE CD1  C Y N 256 
PHE CD2  C Y N 257 
PHE CE1  C Y N 258 
PHE CE2  C Y N 259 
PHE CZ   C Y N 260 
PHE OXT  O N N 261 
PHE H    H N N 262 
PHE H2   H N N 263 
PHE HA   H N N 264 
PHE HB2  H N N 265 
PHE HB3  H N N 266 
PHE HD1  H N N 267 
PHE HD2  H N N 268 
PHE HE1  H N N 269 
PHE HE2  H N N 270 
PHE HZ   H N N 271 
PHE HXT  H N N 272 
PO4 P    P N N 273 
PO4 O1   O N N 274 
PO4 O2   O N N 275 
PO4 O3   O N N 276 
PO4 O4   O N N 277 
PRO N    N N N 278 
PRO CA   C N S 279 
PRO C    C N N 280 
PRO O    O N N 281 
PRO CB   C N N 282 
PRO CG   C N N 283 
PRO CD   C N N 284 
PRO OXT  O N N 285 
PRO H    H N N 286 
PRO HA   H N N 287 
PRO HB2  H N N 288 
PRO HB3  H N N 289 
PRO HG2  H N N 290 
PRO HG3  H N N 291 
PRO HD2  H N N 292 
PRO HD3  H N N 293 
PRO HXT  H N N 294 
SER N    N N N 295 
SER CA   C N S 296 
SER C    C N N 297 
SER O    O N N 298 
SER CB   C N N 299 
SER OG   O N N 300 
SER OXT  O N N 301 
SER H    H N N 302 
SER H2   H N N 303 
SER HA   H N N 304 
SER HB2  H N N 305 
SER HB3  H N N 306 
SER HG   H N N 307 
SER HXT  H N N 308 
THR N    N N N 309 
THR CA   C N S 310 
THR C    C N N 311 
THR O    O N N 312 
THR CB   C N R 313 
THR OG1  O N N 314 
THR CG2  C N N 315 
THR OXT  O N N 316 
THR H    H N N 317 
THR H2   H N N 318 
THR HA   H N N 319 
THR HB   H N N 320 
THR HG1  H N N 321 
THR HG21 H N N 322 
THR HG22 H N N 323 
THR HG23 H N N 324 
THR HXT  H N N 325 
TRP N    N N N 326 
TRP CA   C N S 327 
TRP C    C N N 328 
TRP O    O N N 329 
TRP CB   C N N 330 
TRP CG   C Y N 331 
TRP CD1  C Y N 332 
TRP CD2  C Y N 333 
TRP NE1  N Y N 334 
TRP CE2  C Y N 335 
TRP CE3  C Y N 336 
TRP CZ2  C Y N 337 
TRP CZ3  C Y N 338 
TRP CH2  C Y N 339 
TRP OXT  O N N 340 
TRP H    H N N 341 
TRP H2   H N N 342 
TRP HA   H N N 343 
TRP HB2  H N N 344 
TRP HB3  H N N 345 
TRP HD1  H N N 346 
TRP HE1  H N N 347 
TRP HE3  H N N 348 
TRP HZ2  H N N 349 
TRP HZ3  H N N 350 
TRP HH2  H N N 351 
TRP HXT  H N N 352 
TYR N    N N N 353 
TYR CA   C N S 354 
TYR C    C N N 355 
TYR O    O N N 356 
TYR CB   C N N 357 
TYR CG   C Y N 358 
TYR CD1  C Y N 359 
TYR CD2  C Y N 360 
TYR CE1  C Y N 361 
TYR CE2  C Y N 362 
TYR CZ   C Y N 363 
TYR OH   O N N 364 
TYR OXT  O N N 365 
TYR H    H N N 366 
TYR H2   H N N 367 
TYR HA   H N N 368 
TYR HB2  H N N 369 
TYR HB3  H N N 370 
TYR HD1  H N N 371 
TYR HD2  H N N 372 
TYR HE1  H N N 373 
TYR HE2  H N N 374 
TYR HH   H N N 375 
TYR HXT  H N N 376 
VAL N    N N N 377 
VAL CA   C N S 378 
VAL C    C N N 379 
VAL O    O N N 380 
VAL CB   C N N 381 
VAL CG1  C N N 382 
VAL CG2  C N N 383 
VAL OXT  O N N 384 
VAL H    H N N 385 
VAL H2   H N N 386 
VAL HA   H N N 387 
VAL HB   H N N 388 
VAL HG11 H N N 389 
VAL HG12 H N N 390 
VAL HG13 H N N 391 
VAL HG21 H N N 392 
VAL HG22 H N N 393 
VAL HG23 H N N 394 
VAL HXT  H N N 395 
# 
loop_
_chem_comp_bond.comp_id 
_chem_comp_bond.atom_id_1 
_chem_comp_bond.atom_id_2 
_chem_comp_bond.value_order 
_chem_comp_bond.pdbx_aromatic_flag 
_chem_comp_bond.pdbx_stereo_config 
_chem_comp_bond.pdbx_ordinal 
ALA N   CA   sing N N 1   
ALA N   H    sing N N 2   
ALA N   H2   sing N N 3   
ALA CA  C    sing N N 4   
ALA CA  CB   sing N N 5   
ALA CA  HA   sing N N 6   
ALA C   O    doub N N 7   
ALA C   OXT  sing N N 8   
ALA CB  HB1  sing N N 9   
ALA CB  HB2  sing N N 10  
ALA CB  HB3  sing N N 11  
ALA OXT HXT  sing N N 12  
ARG N   CA   sing N N 13  
ARG N   H    sing N N 14  
ARG N   H2   sing N N 15  
ARG CA  C    sing N N 16  
ARG CA  CB   sing N N 17  
ARG CA  HA   sing N N 18  
ARG C   O    doub N N 19  
ARG C   OXT  sing N N 20  
ARG CB  CG   sing N N 21  
ARG CB  HB2  sing N N 22  
ARG CB  HB3  sing N N 23  
ARG CG  CD   sing N N 24  
ARG CG  HG2  sing N N 25  
ARG CG  HG3  sing N N 26  
ARG CD  NE   sing N N 27  
ARG CD  HD2  sing N N 28  
ARG CD  HD3  sing N N 29  
ARG NE  CZ   sing N N 30  
ARG NE  HE   sing N N 31  
ARG CZ  NH1  sing N N 32  
ARG CZ  NH2  doub N N 33  
ARG NH1 HH11 sing N N 34  
ARG NH1 HH12 sing N N 35  
ARG NH2 HH21 sing N N 36  
ARG NH2 HH22 sing N N 37  
ARG OXT HXT  sing N N 38  
ASN N   CA   sing N N 39  
ASN N   H    sing N N 40  
ASN N   H2   sing N N 41  
ASN CA  C    sing N N 42  
ASN CA  CB   sing N N 43  
ASN CA  HA   sing N N 44  
ASN C   O    doub N N 45  
ASN C   OXT  sing N N 46  
ASN CB  CG   sing N N 47  
ASN CB  HB2  sing N N 48  
ASN CB  HB3  sing N N 49  
ASN CG  OD1  doub N N 50  
ASN CG  ND2  sing N N 51  
ASN ND2 HD21 sing N N 52  
ASN ND2 HD22 sing N N 53  
ASN OXT HXT  sing N N 54  
ASP N   CA   sing N N 55  
ASP N   H    sing N N 56  
ASP N   H2   sing N N 57  
ASP CA  C    sing N N 58  
ASP CA  CB   sing N N 59  
ASP CA  HA   sing N N 60  
ASP C   O    doub N N 61  
ASP C   OXT  sing N N 62  
ASP CB  CG   sing N N 63  
ASP CB  HB2  sing N N 64  
ASP CB  HB3  sing N N 65  
ASP CG  OD1  doub N N 66  
ASP CG  OD2  sing N N 67  
ASP OD2 HD2  sing N N 68  
ASP OXT HXT  sing N N 69  
CYS N   CA   sing N N 70  
CYS N   H    sing N N 71  
CYS N   H2   sing N N 72  
CYS CA  C    sing N N 73  
CYS CA  CB   sing N N 74  
CYS CA  HA   sing N N 75  
CYS C   O    doub N N 76  
CYS C   OXT  sing N N 77  
CYS CB  SG   sing N N 78  
CYS CB  HB2  sing N N 79  
CYS CB  HB3  sing N N 80  
CYS SG  HG   sing N N 81  
CYS OXT HXT  sing N N 82  
GLN N   CA   sing N N 83  
GLN N   H    sing N N 84  
GLN N   H2   sing N N 85  
GLN CA  C    sing N N 86  
GLN CA  CB   sing N N 87  
GLN CA  HA   sing N N 88  
GLN C   O    doub N N 89  
GLN C   OXT  sing N N 90  
GLN CB  CG   sing N N 91  
GLN CB  HB2  sing N N 92  
GLN CB  HB3  sing N N 93  
GLN CG  CD   sing N N 94  
GLN CG  HG2  sing N N 95  
GLN CG  HG3  sing N N 96  
GLN CD  OE1  doub N N 97  
GLN CD  NE2  sing N N 98  
GLN NE2 HE21 sing N N 99  
GLN NE2 HE22 sing N N 100 
GLN OXT HXT  sing N N 101 
GLU N   CA   sing N N 102 
GLU N   H    sing N N 103 
GLU N   H2   sing N N 104 
GLU CA  C    sing N N 105 
GLU CA  CB   sing N N 106 
GLU CA  HA   sing N N 107 
GLU C   O    doub N N 108 
GLU C   OXT  sing N N 109 
GLU CB  CG   sing N N 110 
GLU CB  HB2  sing N N 111 
GLU CB  HB3  sing N N 112 
GLU CG  CD   sing N N 113 
GLU CG  HG2  sing N N 114 
GLU CG  HG3  sing N N 115 
GLU CD  OE1  doub N N 116 
GLU CD  OE2  sing N N 117 
GLU OE2 HE2  sing N N 118 
GLU OXT HXT  sing N N 119 
GLY N   CA   sing N N 120 
GLY N   H    sing N N 121 
GLY N   H2   sing N N 122 
GLY CA  C    sing N N 123 
GLY CA  HA2  sing N N 124 
GLY CA  HA3  sing N N 125 
GLY C   O    doub N N 126 
GLY C   OXT  sing N N 127 
GLY OXT HXT  sing N N 128 
HIS N   CA   sing N N 129 
HIS N   H    sing N N 130 
HIS N   H2   sing N N 131 
HIS CA  C    sing N N 132 
HIS CA  CB   sing N N 133 
HIS CA  HA   sing N N 134 
HIS C   O    doub N N 135 
HIS C   OXT  sing N N 136 
HIS CB  CG   sing N N 137 
HIS CB  HB2  sing N N 138 
HIS CB  HB3  sing N N 139 
HIS CG  ND1  sing Y N 140 
HIS CG  CD2  doub Y N 141 
HIS ND1 CE1  doub Y N 142 
HIS ND1 HD1  sing N N 143 
HIS CD2 NE2  sing Y N 144 
HIS CD2 HD2  sing N N 145 
HIS CE1 NE2  sing Y N 146 
HIS CE1 HE1  sing N N 147 
HIS NE2 HE2  sing N N 148 
HIS OXT HXT  sing N N 149 
HOH O   H1   sing N N 150 
HOH O   H2   sing N N 151 
ILE N   CA   sing N N 152 
ILE N   H    sing N N 153 
ILE N   H2   sing N N 154 
ILE CA  C    sing N N 155 
ILE CA  CB   sing N N 156 
ILE CA  HA   sing N N 157 
ILE C   O    doub N N 158 
ILE C   OXT  sing N N 159 
ILE CB  CG1  sing N N 160 
ILE CB  CG2  sing N N 161 
ILE CB  HB   sing N N 162 
ILE CG1 CD1  sing N N 163 
ILE CG1 HG12 sing N N 164 
ILE CG1 HG13 sing N N 165 
ILE CG2 HG21 sing N N 166 
ILE CG2 HG22 sing N N 167 
ILE CG2 HG23 sing N N 168 
ILE CD1 HD11 sing N N 169 
ILE CD1 HD12 sing N N 170 
ILE CD1 HD13 sing N N 171 
ILE OXT HXT  sing N N 172 
LEU N   CA   sing N N 173 
LEU N   H    sing N N 174 
LEU N   H2   sing N N 175 
LEU CA  C    sing N N 176 
LEU CA  CB   sing N N 177 
LEU CA  HA   sing N N 178 
LEU C   O    doub N N 179 
LEU C   OXT  sing N N 180 
LEU CB  CG   sing N N 181 
LEU CB  HB2  sing N N 182 
LEU CB  HB3  sing N N 183 
LEU CG  CD1  sing N N 184 
LEU CG  CD2  sing N N 185 
LEU CG  HG   sing N N 186 
LEU CD1 HD11 sing N N 187 
LEU CD1 HD12 sing N N 188 
LEU CD1 HD13 sing N N 189 
LEU CD2 HD21 sing N N 190 
LEU CD2 HD22 sing N N 191 
LEU CD2 HD23 sing N N 192 
LEU OXT HXT  sing N N 193 
LYS N   CA   sing N N 194 
LYS N   H    sing N N 195 
LYS N   H2   sing N N 196 
LYS CA  C    sing N N 197 
LYS CA  CB   sing N N 198 
LYS CA  HA   sing N N 199 
LYS C   O    doub N N 200 
LYS C   OXT  sing N N 201 
LYS CB  CG   sing N N 202 
LYS CB  HB2  sing N N 203 
LYS CB  HB3  sing N N 204 
LYS CG  CD   sing N N 205 
LYS CG  HG2  sing N N 206 
LYS CG  HG3  sing N N 207 
LYS CD  CE   sing N N 208 
LYS CD  HD2  sing N N 209 
LYS CD  HD3  sing N N 210 
LYS CE  NZ   sing N N 211 
LYS CE  HE2  sing N N 212 
LYS CE  HE3  sing N N 213 
LYS NZ  HZ1  sing N N 214 
LYS NZ  HZ2  sing N N 215 
LYS NZ  HZ3  sing N N 216 
LYS OXT HXT  sing N N 217 
MET N   CA   sing N N 218 
MET N   H    sing N N 219 
MET N   H2   sing N N 220 
MET CA  C    sing N N 221 
MET CA  CB   sing N N 222 
MET CA  HA   sing N N 223 
MET C   O    doub N N 224 
MET C   OXT  sing N N 225 
MET CB  CG   sing N N 226 
MET CB  HB2  sing N N 227 
MET CB  HB3  sing N N 228 
MET CG  SD   sing N N 229 
MET CG  HG2  sing N N 230 
MET CG  HG3  sing N N 231 
MET SD  CE   sing N N 232 
MET CE  HE1  sing N N 233 
MET CE  HE2  sing N N 234 
MET CE  HE3  sing N N 235 
MET OXT HXT  sing N N 236 
PHE N   CA   sing N N 237 
PHE N   H    sing N N 238 
PHE N   H2   sing N N 239 
PHE CA  C    sing N N 240 
PHE CA  CB   sing N N 241 
PHE CA  HA   sing N N 242 
PHE C   O    doub N N 243 
PHE C   OXT  sing N N 244 
PHE CB  CG   sing N N 245 
PHE CB  HB2  sing N N 246 
PHE CB  HB3  sing N N 247 
PHE CG  CD1  doub Y N 248 
PHE CG  CD2  sing Y N 249 
PHE CD1 CE1  sing Y N 250 
PHE CD1 HD1  sing N N 251 
PHE CD2 CE2  doub Y N 252 
PHE CD2 HD2  sing N N 253 
PHE CE1 CZ   doub Y N 254 
PHE CE1 HE1  sing N N 255 
PHE CE2 CZ   sing Y N 256 
PHE CE2 HE2  sing N N 257 
PHE CZ  HZ   sing N N 258 
PHE OXT HXT  sing N N 259 
PO4 P   O1   doub N N 260 
PO4 P   O2   sing N N 261 
PO4 P   O3   sing N N 262 
PO4 P   O4   sing N N 263 
PRO N   CA   sing N N 264 
PRO N   CD   sing N N 265 
PRO N   H    sing N N 266 
PRO CA  C    sing N N 267 
PRO CA  CB   sing N N 268 
PRO CA  HA   sing N N 269 
PRO C   O    doub N N 270 
PRO C   OXT  sing N N 271 
PRO CB  CG   sing N N 272 
PRO CB  HB2  sing N N 273 
PRO CB  HB3  sing N N 274 
PRO CG  CD   sing N N 275 
PRO CG  HG2  sing N N 276 
PRO CG  HG3  sing N N 277 
PRO CD  HD2  sing N N 278 
PRO CD  HD3  sing N N 279 
PRO OXT HXT  sing N N 280 
SER N   CA   sing N N 281 
SER N   H    sing N N 282 
SER N   H2   sing N N 283 
SER CA  C    sing N N 284 
SER CA  CB   sing N N 285 
SER CA  HA   sing N N 286 
SER C   O    doub N N 287 
SER C   OXT  sing N N 288 
SER CB  OG   sing N N 289 
SER CB  HB2  sing N N 290 
SER CB  HB3  sing N N 291 
SER OG  HG   sing N N 292 
SER OXT HXT  sing N N 293 
THR N   CA   sing N N 294 
THR N   H    sing N N 295 
THR N   H2   sing N N 296 
THR CA  C    sing N N 297 
THR CA  CB   sing N N 298 
THR CA  HA   sing N N 299 
THR C   O    doub N N 300 
THR C   OXT  sing N N 301 
THR CB  OG1  sing N N 302 
THR CB  CG2  sing N N 303 
THR CB  HB   sing N N 304 
THR OG1 HG1  sing N N 305 
THR CG2 HG21 sing N N 306 
THR CG2 HG22 sing N N 307 
THR CG2 HG23 sing N N 308 
THR OXT HXT  sing N N 309 
TRP N   CA   sing N N 310 
TRP N   H    sing N N 311 
TRP N   H2   sing N N 312 
TRP CA  C    sing N N 313 
TRP CA  CB   sing N N 314 
TRP CA  HA   sing N N 315 
TRP C   O    doub N N 316 
TRP C   OXT  sing N N 317 
TRP CB  CG   sing N N 318 
TRP CB  HB2  sing N N 319 
TRP CB  HB3  sing N N 320 
TRP CG  CD1  doub Y N 321 
TRP CG  CD2  sing Y N 322 
TRP CD1 NE1  sing Y N 323 
TRP CD1 HD1  sing N N 324 
TRP CD2 CE2  doub Y N 325 
TRP CD2 CE3  sing Y N 326 
TRP NE1 CE2  sing Y N 327 
TRP NE1 HE1  sing N N 328 
TRP CE2 CZ2  sing Y N 329 
TRP CE3 CZ3  doub Y N 330 
TRP CE3 HE3  sing N N 331 
TRP CZ2 CH2  doub Y N 332 
TRP CZ2 HZ2  sing N N 333 
TRP CZ3 CH2  sing Y N 334 
TRP CZ3 HZ3  sing N N 335 
TRP CH2 HH2  sing N N 336 
TRP OXT HXT  sing N N 337 
TYR N   CA   sing N N 338 
TYR N   H    sing N N 339 
TYR N   H2   sing N N 340 
TYR CA  C    sing N N 341 
TYR CA  CB   sing N N 342 
TYR CA  HA   sing N N 343 
TYR C   O    doub N N 344 
TYR C   OXT  sing N N 345 
TYR CB  CG   sing N N 346 
TYR CB  HB2  sing N N 347 
TYR CB  HB3  sing N N 348 
TYR CG  CD1  doub Y N 349 
TYR CG  CD2  sing Y N 350 
TYR CD1 CE1  sing Y N 351 
TYR CD1 HD1  sing N N 352 
TYR CD2 CE2  doub Y N 353 
TYR CD2 HD2  sing N N 354 
TYR CE1 CZ   doub Y N 355 
TYR CE1 HE1  sing N N 356 
TYR CE2 CZ   sing Y N 357 
TYR CE2 HE2  sing N N 358 
TYR CZ  OH   sing N N 359 
TYR OH  HH   sing N N 360 
TYR OXT HXT  sing N N 361 
VAL N   CA   sing N N 362 
VAL N   H    sing N N 363 
VAL N   H2   sing N N 364 
VAL CA  C    sing N N 365 
VAL CA  CB   sing N N 366 
VAL CA  HA   sing N N 367 
VAL C   O    doub N N 368 
VAL C   OXT  sing N N 369 
VAL CB  CG1  sing N N 370 
VAL CB  CG2  sing N N 371 
VAL CB  HB   sing N N 372 
VAL CG1 HG11 sing N N 373 
VAL CG1 HG12 sing N N 374 
VAL CG1 HG13 sing N N 375 
VAL CG2 HG21 sing N N 376 
VAL CG2 HG22 sing N N 377 
VAL CG2 HG23 sing N N 378 
VAL OXT HXT  sing N N 379 
# 
_atom_sites.entry_id                    3G2B 
_atom_sites.fract_transf_matrix[1][1]   -0.02365796 
_atom_sites.fract_transf_matrix[1][2]   -0.00787600 
_atom_sites.fract_transf_matrix[1][3]   0.02757263 
_atom_sites.fract_transf_matrix[2][1]   0.01046496 
_atom_sites.fract_transf_matrix[2][2]   -0.00873282 
_atom_sites.fract_transf_matrix[2][3]   0.00648469 
_atom_sites.fract_transf_matrix[3][1]   0.00360142 
_atom_sites.fract_transf_matrix[3][2]   0.00838996 
_atom_sites.fract_transf_matrix[3][3]   0.00548666 
_atom_sites.fract_transf_vector[1]      -0.359036 
_atom_sites.fract_transf_vector[2]      0.429529 
_atom_sites.fract_transf_vector[3]      0.323319 
# 
loop_
_atom_type.symbol 
C 
N 
O 
P 
S 
# 
loop_
_atom_site.group_PDB 
_atom_site.id 
_atom_site.type_symbol 
_atom_site.label_atom_id 
_atom_site.label_alt_id 
_atom_site.label_comp_id 
_atom_site.label_asym_id 
_atom_site.label_entity_id 
_atom_site.label_seq_id 
_atom_site.pdbx_PDB_ins_code 
_atom_site.Cartn_x 
_atom_site.Cartn_y 
_atom_site.Cartn_z 
_atom_site.occupancy 
_atom_site.B_iso_or_equiv 
_atom_site.pdbx_formal_charge 
_atom_site.auth_seq_id 
_atom_site.auth_comp_id 
_atom_site.auth_asym_id 
_atom_site.auth_atom_id 
_atom_site.pdbx_PDB_model_num 
ATOM   1   N N   . THR A 1 6  ? -3.803  1.957   -19.555 1.00 31.13 ? 3   THR A N   1 
ATOM   2   C CA  . THR A 1 6  ? -4.553  0.684   -19.357 1.00 29.11 ? 3   THR A CA  1 
ATOM   3   C C   . THR A 1 6  ? -3.984  -0.423  -20.235 1.00 26.80 ? 3   THR A C   1 
ATOM   4   O O   . THR A 1 6  ? -3.058  -0.204  -21.015 1.00 26.96 ? 3   THR A O   1 
ATOM   5   C CB  . THR A 1 6  ? -6.045  0.847   -19.712 1.00 30.34 ? 3   THR A CB  1 
ATOM   6   O OG1 . THR A 1 6  ? -6.176  1.126   -21.112 1.00 31.84 ? 3   THR A OG1 1 
ATOM   7   C CG2 . THR A 1 6  ? -6.661  1.980   -18.910 1.00 31.73 ? 3   THR A CG2 1 
ATOM   8   N N   . ILE A 1 7  ? -4.553  -1.614  -20.098 1.00 23.63 ? 4   ILE A N   1 
ATOM   9   C CA  . ILE A 1 7  ? -4.123  -2.770  -20.873 1.00 20.75 ? 4   ILE A CA  1 
ATOM   10  C C   . ILE A 1 7  ? -5.030  -2.930  -22.089 1.00 18.66 ? 4   ILE A C   1 
ATOM   11  O O   . ILE A 1 7  ? -6.252  -2.976  -21.958 1.00 19.61 ? 4   ILE A O   1 
ATOM   12  C CB  . ILE A 1 7  ? -4.194  -4.065  -20.029 1.00 20.24 ? 4   ILE A CB  1 
ATOM   13  C CG1 . ILE A 1 7  ? -3.186  -3.995  -18.878 1.00 20.55 ? 4   ILE A CG1 1 
ATOM   14  C CG2 . ILE A 1 7  ? -3.930  -5.280  -20.908 1.00 20.47 ? 4   ILE A CG2 1 
ATOM   15  C CD1 . ILE A 1 7  ? -1.739  -3.884  -19.328 1.00 20.76 ? 4   ILE A CD1 1 
ATOM   16  N N   . SER A 1 8  ? -4.425  -3.002  -23.269 1.00 17.38 ? 5   SER A N   1 
ATOM   17  C CA  . SER A 1 8  ? -5.178  -3.174  -24.507 1.00 15.48 ? 5   SER A CA  1 
ATOM   18  C C   . SER A 1 8  ? -4.419  -4.168  -25.368 1.00 14.39 ? 5   SER A C   1 
ATOM   19  O O   . SER A 1 8  ? -3.361  -4.652  -24.971 1.00 12.58 ? 5   SER A O   1 
ATOM   20  C CB  . SER A 1 8  ? -5.307  -1.851  -25.262 1.00 16.49 ? 5   SER A CB  1 
ATOM   21  O OG  . SER A 1 8  ? -4.082  -1.500  -25.876 1.00 16.48 ? 5   SER A OG  1 
ATOM   22  N N   . ARG A 1 9  ? -4.945  -4.456  -26.554 1.00 13.44 ? 6   ARG A N   1 
ATOM   23  C CA  . ARG A 1 9  ? -4.291  -5.398  -27.450 1.00 13.08 ? 6   ARG A CA  1 
ATOM   24  C C   . ARG A 1 9  ? -2.915  -4.905  -27.885 1.00 12.55 ? 6   ARG A C   1 
ATOM   25  O O   . ARG A 1 9  ? -2.093  -5.684  -28.359 1.00 10.80 ? 6   ARG A O   1 
ATOM   26  C CB  . ARG A 1 9  ? -5.176  -5.658  -28.681 1.00 13.74 ? 6   ARG A CB  1 
ATOM   27  C CG  . ARG A 1 9  ? -5.191  -4.547  -29.725 1.00 13.38 ? 6   ARG A CG  1 
ATOM   28  C CD  . ARG A 1 9  ? -6.365  -4.743  -30.692 1.00 14.70 ? 6   ARG A CD  1 
ATOM   29  N NE  . ARG A 1 9  ? -6.367  -6.066  -31.318 1.00 13.42 ? 6   ARG A NE  1 
ATOM   30  C CZ  . ARG A 1 9  ? -5.657  -6.398  -32.391 1.00 13.10 ? 6   ARG A CZ  1 
ATOM   31  N NH1 . ARG A 1 9  ? -4.877  -5.502  -32.985 1.00 13.24 ? 6   ARG A NH1 1 
ATOM   32  N NH2 . ARG A 1 9  ? -5.718  -7.637  -32.868 1.00 13.93 ? 6   ARG A NH2 1 
ATOM   33  N N   . ASP A 1 10 ? -2.656  -3.613  -27.709 1.00 13.73 ? 7   ASP A N   1 
ATOM   34  C CA  . ASP A 1 10 ? -1.379  -3.031  -28.107 1.00 14.27 ? 7   ASP A CA  1 
ATOM   35  C C   . ASP A 1 10 ? -0.297  -3.065  -27.027 1.00 14.28 ? 7   ASP A C   1 
ATOM   36  O O   . ASP A 1 10 ? 0.839   -2.640  -27.269 1.00 13.33 ? 7   ASP A O   1 
ATOM   37  C CB  . ASP A 1 10 ? -1.598  -1.592  -28.586 1.00 17.66 ? 7   ASP A CB  1 
ATOM   38  C CG  . ASP A 1 10 ? -2.239  -1.529  -29.964 1.00 20.65 ? 7   ASP A CG  1 
ATOM   39  O OD1 . ASP A 1 10 ? -2.827  -0.481  -30.300 1.00 25.62 ? 7   ASP A OD1 1 
ATOM   40  O OD2 . ASP A 1 10 ? -2.143  -2.522  -30.716 1.00 23.14 ? 7   ASP A OD2 1 
ATOM   41  N N   . SER A 1 11 ? -0.650  -3.572  -25.846 1.00 11.85 ? 8   SER A N   1 
ATOM   42  C CA  . SER A 1 11 ? 0.294   -3.676  -24.736 1.00 12.94 ? 8   SER A CA  1 
ATOM   43  C C   . SER A 1 11 ? 1.356   -4.726  -25.047 1.00 12.13 ? 8   SER A C   1 
ATOM   44  O O   . SER A 1 11 ? 1.053   -5.768  -25.627 1.00 11.12 ? 8   SER A O   1 
ATOM   45  C CB  . SER A 1 11 ? -0.436  -4.061  -23.442 1.00 12.99 ? 8   SER A CB  1 
ATOM   46  O OG  . SER A 1 11 ? -1.379  -3.073  -23.064 1.00 14.94 ? 8   SER A OG  1 
ATOM   47  N N   . CYS A 1 12 ? 2.600   -4.442  -24.662 1.00 12.38 ? 9   CYS A N   1 
ATOM   48  C CA  . CYS A 1 12 ? 3.722   -5.353  -24.896 1.00 13.28 ? 9   CYS A CA  1 
ATOM   49  C C   . CYS A 1 12 ? 4.406   -5.589  -23.554 1.00 12.54 ? 9   CYS A C   1 
ATOM   50  O O   . CYS A 1 12 ? 5.514   -5.111  -23.310 1.00 13.77 ? 9   CYS A O   1 
ATOM   51  C CB  . CYS A 1 12 ? 4.713   -4.729  -25.882 1.00 14.52 ? 9   CYS A CB  1 
ATOM   52  S SG  . CYS A 1 12 ? 3.982   -4.293  -27.486 1.00 16.64 ? 9   CYS A SG  1 
ATOM   53  N N   . PRO A 1 13 ? 3.755   -6.359  -22.676 1.00 12.39 ? 10  PRO A N   1 
ATOM   54  C CA  . PRO A 1 13 ? 4.264   -6.671  -21.340 1.00 12.36 ? 10  PRO A CA  1 
ATOM   55  C C   . PRO A 1 13 ? 5.458   -7.595  -21.251 1.00 12.48 ? 10  PRO A C   1 
ATOM   56  O O   . PRO A 1 13 ? 5.759   -8.364  -22.166 1.00 11.37 ? 10  PRO A O   1 
ATOM   57  C CB  . PRO A 1 13 ? 3.055   -7.301  -20.636 1.00 12.34 ? 10  PRO A CB  1 
ATOM   58  C CG  . PRO A 1 13 ? 1.881   -6.991  -21.514 1.00 12.62 ? 10  PRO A CG  1 
ATOM   59  C CD  . PRO A 1 13 ? 2.457   -7.018  -22.891 1.00 13.22 ? 10  PRO A CD  1 
ATOM   60  N N   . ALA A 1 14 ? 6.118   -7.506  -20.102 1.00 11.91 ? 11  ALA A N   1 
ATOM   61  C CA  . ALA A 1 14 ? 7.255   -8.339  -19.759 1.00 12.16 ? 11  ALA A CA  1 
ATOM   62  C C   . ALA A 1 14 ? 7.041   -8.585  -18.274 1.00 10.41 ? 11  ALA A C   1 
ATOM   63  O O   . ALA A 1 14 ? 6.500   -7.723  -17.575 1.00 10.42 ? 11  ALA A O   1 
ATOM   64  C CB  . ALA A 1 14 ? 8.560   -7.588  -19.980 1.00 13.15 ? 11  ALA A CB  1 
ATOM   65  N N   . LEU A 1 15 ? 7.423   -9.758  -17.785 1.00 10.76 ? 12  LEU A N   1 
ATOM   66  C CA  . LEU A 1 15 ? 7.278   -10.017 -16.364 1.00 10.40 ? 12  LEU A CA  1 
ATOM   67  C C   . LEU A 1 15 ? 8.339   -9.162  -15.673 1.00 9.95  ? 12  LEU A C   1 
ATOM   68  O O   . LEU A 1 15 ? 9.456   -9.018  -16.183 1.00 11.25 ? 12  LEU A O   1 
ATOM   69  C CB  . LEU A 1 15 ? 7.525   -11.496 -16.049 1.00 11.09 ? 12  LEU A CB  1 
ATOM   70  C CG  . LEU A 1 15 ? 6.531   -12.508 -16.619 1.00 12.31 ? 12  LEU A CG  1 
ATOM   71  C CD1 . LEU A 1 15 ? 6.946   -13.910 -16.196 1.00 12.78 ? 12  LEU A CD1 1 
ATOM   72  C CD2 . LEU A 1 15 ? 5.127   -12.193 -16.124 1.00 13.63 ? 12  LEU A CD2 1 
ATOM   73  N N   . ARG A 1 16 ? 7.996   -8.586  -14.528 1.00 9.24  ? 13  ARG A N   1 
ATOM   74  C CA  . ARG A 1 16 ? 8.959   -7.772  -13.795 1.00 11.62 ? 13  ARG A CA  1 
ATOM   75  C C   . ARG A 1 16 ? 10.072  -8.643  -13.223 1.00 13.50 ? 13  ARG A C   1 
ATOM   76  O O   . ARG A 1 16 ? 9.926   -9.864  -13.104 1.00 12.31 ? 13  ARG A O   1 
ATOM   77  C CB  . ARG A 1 16 ? 8.258   -7.002  -12.671 1.00 13.29 ? 13  ARG A CB  1 
ATOM   78  C CG  . ARG A 1 16 ? 7.382   -5.869  -13.177 1.00 15.54 ? 13  ARG A CG  1 
ATOM   79  C CD  . ARG A 1 16 ? 6.692   -5.140  -12.037 1.00 18.49 ? 13  ARG A CD  1 
ATOM   80  N NE  . ARG A 1 16 ? 7.653   -4.528  -11.125 1.00 20.61 ? 13  ARG A NE  1 
ATOM   81  C CZ  . ARG A 1 16 ? 7.312   -3.797  -10.069 1.00 19.99 ? 13  ARG A CZ  1 
ATOM   82  N NH1 . ARG A 1 16 ? 8.252   -3.280  -9.289  1.00 21.63 ? 13  ARG A NH1 1 
ATOM   83  N NH2 . ARG A 1 16 ? 6.032   -3.583  -9.795  1.00 22.42 ? 13  ARG A NH2 1 
ATOM   84  N N   . ALA A 1 17 ? 11.188  -8.008  -12.872 1.00 14.65 ? 14  ALA A N   1 
ATOM   85  C CA  . ALA A 1 17 ? 12.333  -8.709  -12.310 1.00 16.92 ? 14  ALA A CA  1 
ATOM   86  C C   . ALA A 1 17 ? 11.938  -9.457  -11.050 1.00 15.18 ? 14  ALA A C   1 
ATOM   87  O O   . ALA A 1 17 ? 11.216  -8.933  -10.206 1.00 18.33 ? 14  ALA A O   1 
ATOM   88  C CB  . ALA A 1 17 ? 13.443  -7.718  -11.993 1.00 17.62 ? 14  ALA A CB  1 
ATOM   89  N N   . GLY A 1 18 ? 12.415  -10.688 -10.923 1.00 17.32 ? 15  GLY A N   1 
ATOM   90  C CA  . GLY A 1 18 ? 12.095  -11.466 -9.745  1.00 16.37 ? 15  GLY A CA  1 
ATOM   91  C C   . GLY A 1 18 ? 10.804  -12.246 -9.865  1.00 15.98 ? 15  GLY A C   1 
ATOM   92  O O   . GLY A 1 18 ? 10.582  -13.188 -9.104  1.00 16.86 ? 15  GLY A O   1 
ATOM   93  N N   . VAL A 1 19 ? 9.939   -11.859 -10.798 1.00 14.46 ? 16  VAL A N   1 
ATOM   94  C CA  . VAL A 1 19 ? 8.687   -12.581 -10.978 1.00 14.20 ? 16  VAL A CA  1 
ATOM   95  C C   . VAL A 1 19 ? 9.013   -13.792 -11.832 1.00 16.74 ? 16  VAL A C   1 
ATOM   96  O O   . VAL A 1 19 ? 9.362   -13.663 -13.004 1.00 17.61 ? 16  VAL A O   1 
ATOM   97  C CB  . VAL A 1 19 ? 7.623   -11.723 -11.689 1.00 13.10 ? 16  VAL A CB  1 
ATOM   98  C CG1 . VAL A 1 19 ? 6.359   -12.539 -11.913 1.00 14.07 ? 16  VAL A CG1 1 
ATOM   99  C CG2 . VAL A 1 19 ? 7.307   -10.496 -10.852 1.00 12.19 ? 16  VAL A CG2 1 
ATOM   100 N N   . ARG A 1 20 ? 8.915   -14.976 -11.245 1.00 17.80 ? 17  ARG A N   1 
ATOM   101 C CA  . ARG A 1 20 ? 9.238   -16.171 -12.003 1.00 18.74 ? 17  ARG A CA  1 
ATOM   102 C C   . ARG A 1 20 ? 8.150   -17.223 -12.020 1.00 17.24 ? 17  ARG A C   1 
ATOM   103 O O   . ARG A 1 20 ? 7.335   -17.320 -11.106 1.00 14.80 ? 17  ARG A O   1 
ATOM   104 C CB  . ARG A 1 20 ? 10.547  -16.771 -11.488 1.00 22.28 ? 17  ARG A CB  1 
ATOM   105 C CG  . ARG A 1 20 ? 10.541  -17.168 -10.027 1.00 26.14 ? 17  ARG A CG  1 
ATOM   106 C CD  . ARG A 1 20 ? 11.969  -17.385 -9.540  1.00 32.01 ? 17  ARG A CD  1 
ATOM   107 N NE  . ARG A 1 20 ? 12.034  -17.852 -8.159  1.00 35.36 ? 17  ARG A NE  1 
ATOM   108 C CZ  . ARG A 1 20 ? 11.752  -19.092 -7.771  1.00 37.66 ? 17  ARG A CZ  1 
ATOM   109 N NH1 . ARG A 1 20 ? 11.839  -19.420 -6.488  1.00 39.16 ? 17  ARG A NH1 1 
ATOM   110 N NH2 . ARG A 1 20 ? 11.392  -20.006 -8.663  1.00 38.26 ? 17  ARG A NH2 1 
ATOM   111 N N   . LEU A 1 21 ? 8.141   -17.998 -13.094 1.00 16.19 ? 18  LEU A N   1 
ATOM   112 C CA  . LEU A 1 21 ? 7.168   -19.059 -13.265 1.00 15.18 ? 18  LEU A CA  1 
ATOM   113 C C   . LEU A 1 21 ? 7.664   -20.286 -12.509 1.00 13.35 ? 18  LEU A C   1 
ATOM   114 O O   . LEU A 1 21 ? 8.842   -20.630 -12.587 1.00 13.64 ? 18  LEU A O   1 
ATOM   115 C CB  . LEU A 1 21 ? 7.025   -19.388 -14.751 1.00 18.68 ? 18  LEU A CB  1 
ATOM   116 C CG  . LEU A 1 21 ? 6.007   -20.459 -15.135 1.00 21.84 ? 18  LEU A CG  1 
ATOM   117 C CD1 . LEU A 1 21 ? 4.614   -19.998 -14.743 1.00 22.18 ? 18  LEU A CD1 1 
ATOM   118 C CD2 . LEU A 1 21 ? 6.081   -20.714 -16.636 1.00 25.44 ? 18  LEU A CD2 1 
ATOM   119 N N   . GLN A 1 22 ? 6.770   -20.932 -11.767 1.00 10.64 ? 19  GLN A N   1 
ATOM   120 C CA  . GLN A 1 22 ? 7.124   -22.134 -11.018 1.00 11.85 ? 19  GLN A CA  1 
ATOM   121 C C   . GLN A 1 22 ? 6.062   -23.209 -11.157 1.00 11.72 ? 19  GLN A C   1 
ATOM   122 O O   . GLN A 1 22 ? 4.861   -22.931 -11.127 1.00 11.32 ? 19  GLN A O   1 
ATOM   123 C CB  . GLN A 1 22 ? 7.314   -21.845 -9.522  1.00 14.02 ? 19  GLN A CB  1 
ATOM   124 C CG  . GLN A 1 22 ? 7.353   -23.129 -8.680  1.00 19.07 ? 19  GLN A CG  1 
ATOM   125 C CD  . GLN A 1 22 ? 7.510   -22.885 -7.188  1.00 21.87 ? 19  GLN A CD  1 
ATOM   126 O OE1 . GLN A 1 22 ? 8.626   -22.830 -6.664  1.00 23.70 ? 19  GLN A OE1 1 
ATOM   127 N NE2 . GLN A 1 22 ? 6.388   -22.729 -6.496  1.00 22.23 ? 19  GLN A NE2 1 
ATOM   128 N N   . HIS A 1 23 ? 6.521   -24.443 -11.310 1.00 12.31 ? 20  HIS A N   1 
ATOM   129 C CA  . HIS A 1 23 ? 5.629   -25.578 -11.419 1.00 12.69 ? 20  HIS A CA  1 
ATOM   130 C C   . HIS A 1 23 ? 5.492   -26.149 -10.005 1.00 13.94 ? 20  HIS A C   1 
ATOM   131 O O   . HIS A 1 23 ? 6.418   -26.797 -9.504  1.00 15.69 ? 20  HIS A O   1 
ATOM   132 C CB  . HIS A 1 23 ? 6.239   -26.630 -12.350 1.00 13.58 ? 20  HIS A CB  1 
ATOM   133 C CG  . HIS A 1 23 ? 5.379   -27.836 -12.551 1.00 15.62 ? 20  HIS A CG  1 
ATOM   134 N ND1 . HIS A 1 23 ? 5.865   -29.015 -13.077 1.00 17.53 ? 20  HIS A ND1 1 
ATOM   135 C CD2 . HIS A 1 23 ? 4.064   -28.045 -12.312 1.00 15.01 ? 20  HIS A CD2 1 
ATOM   136 C CE1 . HIS A 1 23 ? 4.885   -29.897 -13.152 1.00 16.72 ? 20  HIS A CE1 1 
ATOM   137 N NE2 . HIS A 1 23 ? 3.781   -29.333 -12.694 1.00 15.04 ? 20  HIS A NE2 1 
ATOM   138 N N   . ASP A 1 24 ? 4.368   -25.879 -9.347  1.00 12.45 ? 21  ASP A N   1 
ATOM   139 C CA  . ASP A 1 24 ? 4.153   -26.417 -8.005  1.00 13.41 ? 21  ASP A CA  1 
ATOM   140 C C   . ASP A 1 24 ? 3.588   -27.813 -8.217  1.00 12.62 ? 21  ASP A C   1 
ATOM   141 O O   . ASP A 1 24 ? 2.381   -28.034 -8.186  1.00 13.72 ? 21  ASP A O   1 
ATOM   142 C CB  . ASP A 1 24 ? 3.156   -25.578 -7.205  1.00 14.87 ? 21  ASP A CB  1 
ATOM   143 C CG  . ASP A 1 24 ? 3.056   -26.031 -5.760  1.00 18.28 ? 21  ASP A CG  1 
ATOM   144 O OD1 . ASP A 1 24 ? 3.270   -27.235 -5.500  1.00 17.05 ? 21  ASP A OD1 1 
ATOM   145 O OD2 . ASP A 1 24 ? 2.754   -25.197 -4.883  1.00 20.41 ? 21  ASP A OD2 1 
ATOM   146 N N   . ARG A 1 25 ? 4.489   -28.753 -8.447  1.00 11.79 ? 22  ARG A N   1 
ATOM   147 C CA  . ARG A 1 25 ? 4.120   -30.132 -8.702  1.00 11.18 ? 22  ARG A CA  1 
ATOM   148 C C   . ARG A 1 25 ? 3.234   -30.763 -7.632  1.00 12.74 ? 22  ARG A C   1 
ATOM   149 O O   . ARG A 1 25 ? 2.275   -31.468 -7.948  1.00 14.67 ? 22  ARG A O   1 
ATOM   150 C CB  . ARG A 1 25 ? 5.391   -30.945 -8.875  1.00 12.78 ? 22  ARG A CB  1 
ATOM   151 C CG  . ARG A 1 25 ? 5.164   -32.395 -9.098  1.00 17.02 ? 22  ARG A CG  1 
ATOM   152 C CD  . ARG A 1 25 ? 6.489   -33.039 -9.378  1.00 16.52 ? 22  ARG A CD  1 
ATOM   153 N NE  . ARG A 1 25 ? 6.501   -33.679 -10.684 1.00 14.68 ? 22  ARG A NE  1 
ATOM   154 C CZ  . ARG A 1 25 ? 7.559   -34.308 -11.176 1.00 12.61 ? 22  ARG A CZ  1 
ATOM   155 N NH1 . ARG A 1 25 ? 7.498   -34.884 -12.369 1.00 10.98 ? 22  ARG A NH1 1 
ATOM   156 N NH2 . ARG A 1 25 ? 8.680   -34.351 -10.465 1.00 10.24 ? 22  ARG A NH2 1 
ATOM   157 N N   . ALA A 1 26 ? 3.559   -30.515 -6.368  1.00 13.88 ? 23  ALA A N   1 
ATOM   158 C CA  . ALA A 1 26 ? 2.782   -31.072 -5.263  1.00 15.21 ? 23  ALA A CA  1 
ATOM   159 C C   . ALA A 1 26 ? 1.310   -30.672 -5.349  1.00 15.69 ? 23  ALA A C   1 
ATOM   160 O O   . ALA A 1 26 ? 0.419   -31.485 -5.091  1.00 15.68 ? 23  ALA A O   1 
ATOM   161 C CB  . ALA A 1 26 ? 3.364   -30.608 -3.936  1.00 15.55 ? 23  ALA A CB  1 
ATOM   162 N N   . ARG A 1 27 ? 1.058   -29.422 -5.723  1.00 16.07 ? 24  ARG A N   1 
ATOM   163 C CA  . ARG A 1 27 ? -0.311  -28.923 -5.816  1.00 18.47 ? 24  ARG A CA  1 
ATOM   164 C C   . ARG A 1 27 ? -0.892  -29.002 -7.224  1.00 18.07 ? 24  ARG A C   1 
ATOM   165 O O   . ARG A 1 27 ? -2.015  -28.553 -7.466  1.00 18.26 ? 24  ARG A O   1 
ATOM   166 C CB  . ARG A 1 27 ? -0.367  -27.479 -5.311  1.00 20.46 ? 24  ARG A CB  1 
ATOM   167 C CG  . ARG A 1 27 ? -1.778  -26.950 -5.096  1.00 27.40 ? 24  ARG A CG  1 
ATOM   168 C CD  . ARG A 1 27 ? -1.755  -25.611 -4.384  1.00 32.78 ? 24  ARG A CD  1 
ATOM   169 N NE  . ARG A 1 27 ? -1.057  -25.696 -3.103  1.00 37.47 ? 24  ARG A NE  1 
ATOM   170 C CZ  . ARG A 1 27 ? -0.991  -24.706 -2.220  1.00 39.62 ? 24  ARG A CZ  1 
ATOM   171 N NH1 . ARG A 1 27 ? -1.584  -23.546 -2.474  1.00 41.51 ? 24  ARG A NH1 1 
ATOM   172 N NH2 . ARG A 1 27 ? -0.332  -24.873 -1.080  1.00 41.81 ? 24  ARG A NH2 1 
ATOM   173 N N   . ASP A 1 28 ? -0.128  -29.589 -8.140  1.00 15.80 ? 25  ASP A N   1 
ATOM   174 C CA  . ASP A 1 28 ? -0.534  -29.742 -9.532  1.00 16.83 ? 25  ASP A CA  1 
ATOM   175 C C   . ASP A 1 28 ? -1.006  -28.427 -10.139 1.00 16.49 ? 25  ASP A C   1 
ATOM   176 O O   . ASP A 1 28 ? -2.087  -28.339 -10.727 1.00 15.46 ? 25  ASP A O   1 
ATOM   177 C CB  . ASP A 1 28 ? -1.631  -30.807 -9.672  1.00 19.44 ? 25  ASP A CB  1 
ATOM   178 C CG  . ASP A 1 28 ? -2.020  -31.052 -11.122 1.00 23.24 ? 25  ASP A CG  1 
ATOM   179 O OD1 . ASP A 1 28 ? -1.118  -31.043 -11.987 1.00 25.09 ? 25  ASP A OD1 1 
ATOM   180 O OD2 . ASP A 1 28 ? -3.220  -31.260 -11.399 1.00 27.58 ? 25  ASP A OD2 1 
ATOM   181 N N   . GLN A 1 29 ? -0.187  -27.395 -9.993  1.00 14.46 ? 26  GLN A N   1 
ATOM   182 C CA  . GLN A 1 29 ? -0.530  -26.102 -10.556 1.00 15.59 ? 26  GLN A CA  1 
ATOM   183 C C   . GLN A 1 29 ? 0.717   -25.308 -10.870 1.00 14.31 ? 26  GLN A C   1 
ATOM   184 O O   . GLN A 1 29 ? 1.791   -25.574 -10.331 1.00 16.75 ? 26  GLN A O   1 
ATOM   185 C CB  . GLN A 1 29 ? -1.404  -25.304 -9.589  1.00 18.10 ? 26  GLN A CB  1 
ATOM   186 C CG  . GLN A 1 29 ? -0.750  -25.017 -8.255  1.00 23.16 ? 26  GLN A CG  1 
ATOM   187 C CD  . GLN A 1 29 ? -1.529  -24.006 -7.433  1.00 25.05 ? 26  GLN A CD  1 
ATOM   188 O OE1 . GLN A 1 29 ? -2.753  -24.072 -7.348  1.00 29.48 ? 26  GLN A OE1 1 
ATOM   189 N NE2 . GLN A 1 29 ? -0.818  -23.070 -6.813  1.00 27.99 ? 26  GLN A NE2 1 
ATOM   190 N N   . TRP A 1 30 ? 0.574   -24.344 -11.769 1.00 10.19 ? 27  TRP A N   1 
ATOM   191 C CA  . TRP A 1 30 ? 1.687   -23.485 -12.124 1.00 8.79  ? 27  TRP A CA  1 
ATOM   192 C C   . TRP A 1 30 ? 1.366   -22.137 -11.504 1.00 10.15 ? 27  TRP A C   1 
ATOM   193 O O   . TRP A 1 30 ? 0.205   -21.760 -11.411 1.00 10.50 ? 27  TRP A O   1 
ATOM   194 C CB  . TRP A 1 30 ? 1.815   -23.355 -13.643 1.00 10.19 ? 27  TRP A CB  1 
ATOM   195 C CG  . TRP A 1 30 ? 2.356   -24.591 -14.290 1.00 10.46 ? 27  TRP A CG  1 
ATOM   196 C CD1 . TRP A 1 30 ? 1.692   -25.767 -14.502 1.00 11.17 ? 27  TRP A CD1 1 
ATOM   197 C CD2 . TRP A 1 30 ? 3.683   -24.786 -14.784 1.00 10.95 ? 27  TRP A CD2 1 
ATOM   198 N NE1 . TRP A 1 30 ? 2.527   -26.680 -15.099 1.00 10.21 ? 27  TRP A NE1 1 
ATOM   199 C CE2 . TRP A 1 30 ? 3.755   -26.103 -15.285 1.00 11.31 ? 27  TRP A CE2 1 
ATOM   200 C CE3 . TRP A 1 30 ? 4.822   -23.971 -14.853 1.00 12.73 ? 27  TRP A CE3 1 
ATOM   201 C CZ2 . TRP A 1 30 ? 4.922   -26.629 -15.848 1.00 12.51 ? 27  TRP A CZ2 1 
ATOM   202 C CZ3 . TRP A 1 30 ? 5.985   -24.495 -15.417 1.00 14.26 ? 27  TRP A CZ3 1 
ATOM   203 C CH2 . TRP A 1 30 ? 6.024   -25.811 -15.907 1.00 12.93 ? 27  TRP A CH2 1 
ATOM   204 N N   . VAL A 1 31 ? 2.393   -21.420 -11.071 1.00 10.11 ? 28  VAL A N   1 
ATOM   205 C CA  . VAL A 1 31 ? 2.183   -20.122 -10.450 1.00 11.06 ? 28  VAL A CA  1 
ATOM   206 C C   . VAL A 1 31 ? 3.289   -19.152 -10.821 1.00 11.01 ? 28  VAL A C   1 
ATOM   207 O O   . VAL A 1 31 ? 4.317   -19.535 -11.381 1.00 11.21 ? 28  VAL A O   1 
ATOM   208 C CB  . VAL A 1 31 ? 2.178   -20.226 -8.899  1.00 11.43 ? 28  VAL A CB  1 
ATOM   209 C CG1 . VAL A 1 31 ? 1.135   -21.236 -8.431  1.00 11.71 ? 28  VAL A CG1 1 
ATOM   210 C CG2 . VAL A 1 31 ? 3.560   -20.636 -8.400  1.00 13.65 ? 28  VAL A CG2 1 
ATOM   211 N N   . LEU A 1 32 ? 3.044   -17.882 -10.528 1.00 11.66 ? 29  LEU A N   1 
ATOM   212 C CA  . LEU A 1 32 ? 4.039   -16.844 -10.719 1.00 11.28 ? 29  LEU A CA  1 
ATOM   213 C C   . LEU A 1 32 ? 4.386   -16.482 -9.288  1.00 12.21 ? 29  LEU A C   1 
ATOM   214 O O   . LEU A 1 32 ? 3.489   -16.294 -8.461  1.00 11.98 ? 29  LEU A O   1 
ATOM   215 C CB  . LEU A 1 32 ? 3.460   -15.614 -11.421 1.00 11.21 ? 29  LEU A CB  1 
ATOM   216 C CG  . LEU A 1 32 ? 3.230   -15.725 -12.926 1.00 10.73 ? 29  LEU A CG  1 
ATOM   217 C CD1 . LEU A 1 32 ? 2.548   -14.462 -13.427 1.00 13.22 ? 29  LEU A CD1 1 
ATOM   218 C CD2 . LEU A 1 32 ? 4.558   -15.925 -13.641 1.00 12.19 ? 29  LEU A CD2 1 
ATOM   219 N N   . LEU A 1 33 ? 5.675   -16.419 -8.987  1.00 12.71 ? 30  LEU A N   1 
ATOM   220 C CA  . LEU A 1 33 ? 6.124   -16.059 -7.650  1.00 15.07 ? 30  LEU A CA  1 
ATOM   221 C C   . LEU A 1 33 ? 6.598   -14.621 -7.737  1.00 15.66 ? 30  LEU A C   1 
ATOM   222 O O   . LEU A 1 33 ? 7.523   -14.318 -8.493  1.00 17.82 ? 30  LEU A O   1 
ATOM   223 C CB  . LEU A 1 33 ? 7.288   -16.949 -7.206  1.00 16.33 ? 30  LEU A CB  1 
ATOM   224 C CG  . LEU A 1 33 ? 7.053   -18.456 -7.146  1.00 19.95 ? 30  LEU A CG  1 
ATOM   225 C CD1 . LEU A 1 33 ? 5.940   -18.766 -6.161  1.00 20.33 ? 30  LEU A CD1 1 
ATOM   226 C CD2 . LEU A 1 33 ? 6.709   -18.965 -8.532  1.00 23.75 ? 30  LEU A CD2 1 
ATOM   227 N N   . ALA A 1 34 ? 5.947   -13.739 -6.987  1.00 15.52 ? 31  ALA A N   1 
ATOM   228 C CA  . ALA A 1 34 ? 6.308   -12.323 -6.969  1.00 15.21 ? 31  ALA A CA  1 
ATOM   229 C C   . ALA A 1 34 ? 7.260   -12.115 -5.798  1.00 15.02 ? 31  ALA A C   1 
ATOM   230 O O   . ALA A 1 34 ? 7.016   -12.604 -4.698  1.00 14.58 ? 31  ALA A O   1 
ATOM   231 C CB  . ALA A 1 34 ? 5.067   -11.469 -6.793  1.00 16.83 ? 31  ALA A CB  1 
ATOM   232 N N   . PRO A 1 35 ? 8.360   -11.381 -6.019  1.00 15.13 ? 32  PRO A N   1 
ATOM   233 C CA  . PRO A 1 35 ? 9.344   -11.125 -4.968  1.00 15.82 ? 32  PRO A CA  1 
ATOM   234 C C   . PRO A 1 35 ? 8.864   -10.171 -3.884  1.00 16.04 ? 32  PRO A C   1 
ATOM   235 O O   . PRO A 1 35 ? 7.919   -9.405  -4.085  1.00 15.33 ? 32  PRO A O   1 
ATOM   236 C CB  . PRO A 1 35 ? 10.522  -10.547 -5.740  1.00 15.33 ? 32  PRO A CB  1 
ATOM   237 C CG  . PRO A 1 35 ? 9.841   -9.766  -6.812  1.00 15.79 ? 32  PRO A CG  1 
ATOM   238 C CD  . PRO A 1 35 ? 8.749   -10.714 -7.275  1.00 15.12 ? 32  PRO A CD  1 
ATOM   239 N N   . GLU A 1 36 ? 9.524   -10.233 -2.734  1.00 16.69 ? 33  GLU A N   1 
ATOM   240 C CA  . GLU A 1 36 ? 9.202   -9.350  -1.625  1.00 17.20 ? 33  GLU A CA  1 
ATOM   241 C C   . GLU A 1 36 ? 9.441   -7.929  -2.119  1.00 16.78 ? 33  GLU A C   1 
ATOM   242 O O   . GLU A 1 36 ? 10.279  -7.708  -2.996  1.00 17.37 ? 33  GLU A O   1 
ATOM   243 C CB  . GLU A 1 36 ? 10.115  -9.646  -0.432  1.00 20.35 ? 33  GLU A CB  1 
ATOM   244 C CG  . GLU A 1 36 ? 9.956   -11.044 0.132   1.00 26.63 ? 33  GLU A CG  1 
ATOM   245 C CD  . GLU A 1 36 ? 10.838  -11.290 1.343   1.00 30.65 ? 33  GLU A CD  1 
ATOM   246 O OE1 . GLU A 1 36 ? 10.774  -12.405 1.904   1.00 34.31 ? 33  GLU A OE1 1 
ATOM   247 O OE2 . GLU A 1 36 ? 11.591  -10.371 1.731   1.00 31.19 ? 33  GLU A OE2 1 
ATOM   248 N N   . ARG A 1 37 ? 8.708   -6.967  -1.569  1.00 13.84 ? 34  ARG A N   1 
ATOM   249 C CA  . ARG A 1 37 ? 8.866   -5.582  -1.988  1.00 15.53 ? 34  ARG A CA  1 
ATOM   250 C C   . ARG A 1 37 ? 9.179   -4.679  -0.806  1.00 16.30 ? 34  ARG A C   1 
ATOM   251 O O   . ARG A 1 37 ? 8.917   -5.026  0.348   1.00 16.44 ? 34  ARG A O   1 
ATOM   252 C CB  . ARG A 1 37 ? 7.599   -5.090  -2.687  1.00 16.48 ? 34  ARG A CB  1 
ATOM   253 C CG  . ARG A 1 37 ? 7.318   -5.770  -4.022  1.00 15.34 ? 34  ARG A CG  1 
ATOM   254 C CD  . ARG A 1 37 ? 5.913   -5.435  -4.498  1.00 16.69 ? 34  ARG A CD  1 
ATOM   255 N NE  . ARG A 1 37 ? 4.897   -6.077  -3.668  1.00 17.23 ? 34  ARG A NE  1 
ATOM   256 C CZ  . ARG A 1 37 ? 3.650   -5.633  -3.540  1.00 19.37 ? 34  ARG A CZ  1 
ATOM   257 N NH1 . ARG A 1 37 ? 2.788   -6.280  -2.768  1.00 19.65 ? 34  ARG A NH1 1 
ATOM   258 N NH2 . ARG A 1 37 ? 3.271   -4.530  -4.170  1.00 21.19 ? 34  ARG A NH2 1 
ATOM   259 N N   . VAL A 1 38 ? 9.754   -3.522  -1.112  1.00 16.76 ? 35  VAL A N   1 
ATOM   260 C CA  . VAL A 1 38 ? 10.121  -2.542  -0.100  1.00 16.80 ? 35  VAL A CA  1 
ATOM   261 C C   . VAL A 1 38 ? 9.473   -1.214  -0.465  1.00 17.28 ? 35  VAL A C   1 
ATOM   262 O O   . VAL A 1 38 ? 9.617   -0.734  -1.591  1.00 18.94 ? 35  VAL A O   1 
ATOM   263 C CB  . VAL A 1 38 ? 11.656  -2.363  -0.039  1.00 19.19 ? 35  VAL A CB  1 
ATOM   264 C CG1 . VAL A 1 38 ? 12.025  -1.328  1.012   1.00 17.43 ? 35  VAL A CG1 1 
ATOM   265 C CG2 . VAL A 1 38 ? 12.319  -3.692  0.276   1.00 20.55 ? 35  VAL A CG2 1 
ATOM   266 N N   . VAL A 1 39 ? 8.742   -0.635  0.483   1.00 14.06 ? 36  VAL A N   1 
ATOM   267 C CA  . VAL A 1 39 ? 8.079   0.640   0.261   1.00 14.57 ? 36  VAL A CA  1 
ATOM   268 C C   . VAL A 1 39 ? 8.549   1.618   1.336   1.00 13.94 ? 36  VAL A C   1 
ATOM   269 O O   . VAL A 1 39 ? 8.340   1.388   2.525   1.00 12.55 ? 36  VAL A O   1 
ATOM   270 C CB  . VAL A 1 39 ? 6.539   0.485   0.331   1.00 15.72 ? 36  VAL A CB  1 
ATOM   271 C CG1 . VAL A 1 39 ? 5.869   1.830   0.143   1.00 16.68 ? 36  VAL A CG1 1 
ATOM   272 C CG2 . VAL A 1 39 ? 6.068   -0.498  -0.744  1.00 16.48 ? 36  VAL A CG2 1 
ATOM   273 N N   . GLU A 1 40 ? 9.191   2.702   0.912   1.00 14.24 ? 37  GLU A N   1 
ATOM   274 C CA  . GLU A 1 40 ? 9.705   3.699   1.847   1.00 15.53 ? 37  GLU A CA  1 
ATOM   275 C C   . GLU A 1 40 ? 8.604   4.539   2.490   1.00 15.66 ? 37  GLU A C   1 
ATOM   276 O O   . GLU A 1 40 ? 7.662   4.965   1.821   1.00 17.23 ? 37  GLU A O   1 
ATOM   277 C CB  . GLU A 1 40 ? 10.700  4.617   1.132   1.00 17.89 ? 37  GLU A CB  1 
ATOM   278 C CG  . GLU A 1 40 ? 11.288  5.707   2.020   1.00 24.87 ? 37  GLU A CG  1 
ATOM   279 C CD  . GLU A 1 40 ? 12.311  6.567   1.296   1.00 27.76 ? 37  GLU A CD  1 
ATOM   280 O OE1 . GLU A 1 40 ? 12.877  7.483   1.931   1.00 30.00 ? 37  GLU A OE1 1 
ATOM   281 O OE2 . GLU A 1 40 ? 12.549  6.329   0.092   1.00 30.57 ? 37  GLU A OE2 1 
ATOM   282 N N   . LEU A 1 41 ? 8.737   4.762   3.796   1.00 14.80 ? 38  LEU A N   1 
ATOM   283 C CA  . LEU A 1 41 ? 7.786   5.555   4.578   1.00 14.56 ? 38  LEU A CA  1 
ATOM   284 C C   . LEU A 1 41 ? 8.578   6.660   5.260   1.00 16.17 ? 38  LEU A C   1 
ATOM   285 O O   . LEU A 1 41 ? 9.563   6.382   5.936   1.00 16.58 ? 38  LEU A O   1 
ATOM   286 C CB  . LEU A 1 41 ? 7.139   4.705   5.669   1.00 14.92 ? 38  LEU A CB  1 
ATOM   287 C CG  . LEU A 1 41 ? 6.160   3.589   5.326   1.00 16.53 ? 38  LEU A CG  1 
ATOM   288 C CD1 . LEU A 1 41 ? 5.753   2.863   6.605   1.00 17.07 ? 38  LEU A CD1 1 
ATOM   289 C CD2 . LEU A 1 41 ? 4.948   4.184   4.645   1.00 17.58 ? 38  LEU A CD2 1 
ATOM   290 N N   . ASP A 1 42 ? 8.165   7.908   5.104   1.00 15.70 ? 39  ASP A N   1 
ATOM   291 C CA  . ASP A 1 42 ? 8.909   8.967   5.761   1.00 17.93 ? 39  ASP A CA  1 
ATOM   292 C C   . ASP A 1 42 ? 8.044   9.881   6.602   1.00 16.76 ? 39  ASP A C   1 
ATOM   293 O O   . ASP A 1 42 ? 6.887   10.138  6.280   1.00 15.80 ? 39  ASP A O   1 
ATOM   294 C CB  . ASP A 1 42 ? 9.695   9.789   4.736   1.00 24.01 ? 39  ASP A CB  1 
ATOM   295 C CG  . ASP A 1 42 ? 8.820   10.368  3.660   1.00 28.12 ? 39  ASP A CG  1 
ATOM   296 O OD1 . ASP A 1 42 ? 7.924   11.168  3.994   1.00 32.54 ? 39  ASP A OD1 1 
ATOM   297 O OD2 . ASP A 1 42 ? 9.032   10.025  2.476   1.00 33.34 ? 39  ASP A OD2 1 
ATOM   298 N N   . ASP A 1 43 ? 8.620   10.341  7.707   1.00 14.78 ? 40  ASP A N   1 
ATOM   299 C CA  . ASP A 1 43 ? 7.946   11.255  8.614   1.00 14.34 ? 40  ASP A CA  1 
ATOM   300 C C   . ASP A 1 43 ? 6.542   10.823  9.055   1.00 14.85 ? 40  ASP A C   1 
ATOM   301 O O   . ASP A 1 43 ? 6.384   9.762   9.652   1.00 14.25 ? 40  ASP A O   1 
ATOM   302 C CB  . ASP A 1 43 ? 7.930   12.649  7.980   1.00 13.46 ? 40  ASP A CB  1 
ATOM   303 C CG  . ASP A 1 43 ? 9.337   13.199  7.758   1.00 14.00 ? 40  ASP A CG  1 
ATOM   304 O OD1 . ASP A 1 43 ? 9.485   14.213  7.043   1.00 13.88 ? 40  ASP A OD1 1 
ATOM   305 O OD2 . ASP A 1 43 ? 10.305  12.620  8.301   1.00 14.10 ? 40  ASP A OD2 1 
ATOM   306 N N   . ILE A 1 44 ? 5.522   11.626  8.771   1.00 16.07 ? 41  ILE A N   1 
ATOM   307 C CA  . ILE A 1 44 ? 4.177   11.280  9.222   1.00 17.33 ? 41  ILE A CA  1 
ATOM   308 C C   . ILE A 1 44 ? 3.626   9.966   8.659   1.00 17.08 ? 41  ILE A C   1 
ATOM   309 O O   . ILE A 1 44 ? 2.789   9.327   9.299   1.00 17.00 ? 41  ILE A O   1 
ATOM   310 C CB  . ILE A 1 44 ? 3.172   12.436  8.947   1.00 19.36 ? 41  ILE A CB  1 
ATOM   311 C CG1 . ILE A 1 44 ? 2.076   12.437  10.020  1.00 22.07 ? 41  ILE A CG1 1 
ATOM   312 C CG2 . ILE A 1 44 ? 2.548   12.289  7.572   1.00 18.43 ? 41  ILE A CG2 1 
ATOM   313 C CD1 . ILE A 1 44 ? 2.583   12.752  11.413  1.00 24.00 ? 41  ILE A CD1 1 
ATOM   314 N N   . ALA A 1 45 ? 4.101   9.555   7.483   1.00 15.25 ? 42  ALA A N   1 
ATOM   315 C CA  . ALA A 1 45 ? 3.643   8.305   6.869   1.00 14.83 ? 42  ALA A CA  1 
ATOM   316 C C   . ALA A 1 45 ? 4.031   7.122   7.758   1.00 15.27 ? 42  ALA A C   1 
ATOM   317 O O   . ALA A 1 45 ? 3.336   6.104   7.808   1.00 14.15 ? 42  ALA A O   1 
ATOM   318 C CB  . ALA A 1 45 ? 4.258   8.141   5.484   1.00 16.35 ? 42  ALA A CB  1 
ATOM   319 N N   . LEU A 1 46 ? 5.158   7.257   8.446   1.00 14.37 ? 43  LEU A N   1 
ATOM   320 C CA  . LEU A 1 46 ? 5.625   6.215   9.352   1.00 13.30 ? 43  LEU A CA  1 
ATOM   321 C C   . LEU A 1 46 ? 4.604   6.045   10.478  1.00 14.71 ? 43  LEU A C   1 
ATOM   322 O O   . LEU A 1 46 ? 4.239   4.925   10.846  1.00 12.80 ? 43  LEU A O   1 
ATOM   323 C CB  . LEU A 1 46 ? 6.988   6.611   9.934   1.00 14.75 ? 43  LEU A CB  1 
ATOM   324 C CG  . LEU A 1 46 ? 7.526   5.753   11.076  1.00 13.72 ? 43  LEU A CG  1 
ATOM   325 C CD1 . LEU A 1 46 ? 7.664   4.304   10.606  1.00 14.68 ? 43  LEU A CD1 1 
ATOM   326 C CD2 . LEU A 1 46 ? 8.873   6.308   11.541  1.00 15.34 ? 43  LEU A CD2 1 
ATOM   327 N N   . VAL A 1 47 ? 4.132   7.165   11.019  1.00 13.33 ? 44  VAL A N   1 
ATOM   328 C CA  . VAL A 1 47 ? 3.157   7.127   12.099  1.00 13.59 ? 44  VAL A CA  1 
ATOM   329 C C   . VAL A 1 47 ? 1.811   6.588   11.625  1.00 12.13 ? 44  VAL A C   1 
ATOM   330 O O   . VAL A 1 47 ? 1.190   5.773   12.301  1.00 13.17 ? 44  VAL A O   1 
ATOM   331 C CB  . VAL A 1 47 ? 2.944   8.533   12.706  1.00 13.97 ? 44  VAL A CB  1 
ATOM   332 C CG1 . VAL A 1 47 ? 2.000   8.450   13.894  1.00 14.37 ? 44  VAL A CG1 1 
ATOM   333 C CG2 . VAL A 1 47 ? 4.287   9.121   13.132  1.00 17.26 ? 44  VAL A CG2 1 
ATOM   334 N N   . VAL A 1 48 ? 1.366   7.040   10.457  1.00 11.53 ? 45  VAL A N   1 
ATOM   335 C CA  . VAL A 1 48 ? 0.085   6.597   9.916   1.00 9.99  ? 45  VAL A CA  1 
ATOM   336 C C   . VAL A 1 48 ? 0.053   5.084   9.733   1.00 11.07 ? 45  VAL A C   1 
ATOM   337 O O   . VAL A 1 48 ? -0.914  4.425   10.111  1.00 11.87 ? 45  VAL A O   1 
ATOM   338 C CB  . VAL A 1 48 ? -0.212  7.269   8.557   1.00 10.74 ? 45  VAL A CB  1 
ATOM   339 C CG1 . VAL A 1 48 ? -1.496  6.693   7.959   1.00 9.67  ? 45  VAL A CG1 1 
ATOM   340 C CG2 . VAL A 1 48 ? -0.330  8.773   8.733   1.00 11.15 ? 45  VAL A CG2 1 
ATOM   341 N N   . ALA A 1 49 ? 1.114   4.535   9.151   1.00 10.60 ? 46  ALA A N   1 
ATOM   342 C CA  . ALA A 1 49 ? 1.192   3.100   8.920   1.00 10.61 ? 46  ALA A CA  1 
ATOM   343 C C   . ALA A 1 49 ? 1.072   2.331   10.232  1.00 12.39 ? 46  ALA A C   1 
ATOM   344 O O   . ALA A 1 49 ? 0.479   1.258   10.284  1.00 12.75 ? 46  ALA A O   1 
ATOM   345 C CB  . ALA A 1 49 ? 2.504   2.760   8.230   1.00 10.48 ? 46  ALA A CB  1 
ATOM   346 N N   . GLN A 1 50 ? 1.641   2.893   11.294  1.00 13.68 ? 47  GLN A N   1 
ATOM   347 C CA  . GLN A 1 50 ? 1.612   2.267   12.609  1.00 14.62 ? 47  GLN A CA  1 
ATOM   348 C C   . GLN A 1 50 ? 0.225   2.385   13.234  1.00 14.28 ? 47  GLN A C   1 
ATOM   349 O O   . GLN A 1 50 ? -0.196  1.510   13.992  1.00 15.62 ? 47  GLN A O   1 
ATOM   350 C CB  . GLN A 1 50 ? 2.663   2.926   13.514  1.00 15.51 ? 47  GLN A CB  1 
ATOM   351 C CG  . GLN A 1 50 ? 2.787   2.351   14.927  1.00 15.37 ? 47  GLN A CG  1 
ATOM   352 C CD  . GLN A 1 50 ? 1.818   2.977   15.914  1.00 17.04 ? 47  GLN A CD  1 
ATOM   353 O OE1 . GLN A 1 50 ? 1.631   4.191   15.927  1.00 19.09 ? 47  GLN A OE1 1 
ATOM   354 N NE2 . GLN A 1 50 ? 1.210   2.150   16.757  1.00 19.87 ? 47  GLN A NE2 1 
ATOM   355 N N   . ARG A 1 51 ? -0.487  3.454   12.890  1.00 14.23 ? 48  ARG A N   1 
ATOM   356 C CA  . ARG A 1 51 ? -1.820  3.696   13.435  1.00 14.23 ? 48  ARG A CA  1 
ATOM   357 C C   . ARG A 1 51 ? -2.951  2.879   12.811  1.00 14.46 ? 48  ARG A C   1 
ATOM   358 O O   . ARG A 1 51 ? -4.014  2.747   13.417  1.00 13.52 ? 48  ARG A O   1 
ATOM   359 C CB  . ARG A 1 51 ? -2.155  5.193   13.357  1.00 14.35 ? 48  ARG A CB  1 
ATOM   360 C CG  . ARG A 1 51 ? -1.246  6.065   14.210  1.00 17.81 ? 48  ARG A CG  1 
ATOM   361 C CD  . ARG A 1 51 ? -1.303  5.641   15.672  1.00 19.96 ? 48  ARG A CD  1 
ATOM   362 N NE  . ARG A 1 51 ? -0.305  6.327   16.489  1.00 23.02 ? 48  ARG A NE  1 
ATOM   363 C CZ  . ARG A 1 51 ? -0.418  7.575   16.933  1.00 24.79 ? 48  ARG A CZ  1 
ATOM   364 N NH1 . ARG A 1 51 ? 0.551   8.104   17.666  1.00 23.74 ? 48  ARG A NH1 1 
ATOM   365 N NH2 . ARG A 1 51 ? -1.500  8.290   16.660  1.00 27.54 ? 48  ARG A NH2 1 
ATOM   366 N N   . TYR A 1 52 ? -2.743  2.342   11.609  1.00 11.89 ? 49  TYR A N   1 
ATOM   367 C CA  . TYR A 1 52 ? -3.778  1.527   10.971  1.00 13.32 ? 49  TYR A CA  1 
ATOM   368 C C   . TYR A 1 52 ? -4.110  0.373   11.914  1.00 13.90 ? 49  TYR A C   1 
ATOM   369 O O   . TYR A 1 52 ? -3.204  -0.253  12.457  1.00 15.45 ? 49  TYR A O   1 
ATOM   370 C CB  . TYR A 1 52 ? -3.277  0.915   9.659   1.00 10.99 ? 49  TYR A CB  1 
ATOM   371 C CG  . TYR A 1 52 ? -3.037  1.863   8.501   1.00 9.25  ? 49  TYR A CG  1 
ATOM   372 C CD1 . TYR A 1 52 ? -2.010  1.610   7.595   1.00 8.52  ? 49  TYR A CD1 1 
ATOM   373 C CD2 . TYR A 1 52 ? -3.853  2.974   8.279   1.00 7.53  ? 49  TYR A CD2 1 
ATOM   374 C CE1 . TYR A 1 52 ? -1.791  2.429   6.493   1.00 10.10 ? 49  TYR A CE1 1 
ATOM   375 C CE2 . TYR A 1 52 ? -3.643  3.813   7.165   1.00 9.22  ? 49  TYR A CE2 1 
ATOM   376 C CZ  . TYR A 1 52 ? -2.608  3.528   6.280   1.00 9.63  ? 49  TYR A CZ  1 
ATOM   377 O OH  . TYR A 1 52 ? -2.369  4.337   5.180   1.00 9.63  ? 49  TYR A OH  1 
ATOM   378 N N   . ASP A 1 53 ? -5.396  0.091   12.103  1.00 14.53 ? 50  ASP A N   1 
ATOM   379 C CA  . ASP A 1 53 ? -5.809  -1.015  12.968  1.00 15.06 ? 50  ASP A CA  1 
ATOM   380 C C   . ASP A 1 53 ? -7.095  -1.679  12.485  1.00 15.97 ? 50  ASP A C   1 
ATOM   381 O O   . ASP A 1 53 ? -7.736  -2.435  13.228  1.00 17.03 ? 50  ASP A O   1 
ATOM   382 C CB  . ASP A 1 53 ? -5.971  -0.542  14.420  1.00 15.54 ? 50  ASP A CB  1 
ATOM   383 C CG  . ASP A 1 53 ? -7.095  0.464   14.599  1.00 15.06 ? 50  ASP A CG  1 
ATOM   384 O OD1 . ASP A 1 53 ? -7.267  0.958   15.737  1.00 20.06 ? 50  ASP A OD1 1 
ATOM   385 O OD2 . ASP A 1 53 ? -7.807  0.770   13.623  1.00 14.40 ? 50  ASP A OD2 1 
ATOM   386 N N   . GLY A 1 54 ? -7.461  -1.401  11.235  1.00 14.65 ? 51  GLY A N   1 
ATOM   387 C CA  . GLY A 1 54 ? -8.657  -1.978  10.647  1.00 15.50 ? 51  GLY A CA  1 
ATOM   388 C C   . GLY A 1 54 ? -9.939  -1.565  11.339  1.00 16.40 ? 51  GLY A C   1 
ATOM   389 O O   . GLY A 1 54 ? -10.982 -2.197  11.152  1.00 17.82 ? 51  GLY A O   1 
ATOM   390 N N   . THR A 1 55 ? -9.867  -0.496  12.127  1.00 15.30 ? 52  THR A N   1 
ATOM   391 C CA  . THR A 1 55 ? -11.025 -0.004  12.866  1.00 15.80 ? 52  THR A CA  1 
ATOM   392 C C   . THR A 1 55 ? -11.158 1.507   12.696  1.00 15.67 ? 52  THR A C   1 
ATOM   393 O O   . THR A 1 55 ? -12.186 2.008   12.232  1.00 17.33 ? 52  THR A O   1 
ATOM   394 C CB  . THR A 1 55 ? -10.880 -0.325  14.366  1.00 17.47 ? 52  THR A CB  1 
ATOM   395 O OG1 . THR A 1 55 ? -10.551 -1.714  14.529  1.00 18.31 ? 52  THR A OG1 1 
ATOM   396 C CG2 . THR A 1 55 ? -12.172 -0.030  15.102  1.00 18.57 ? 52  THR A CG2 1 
ATOM   397 N N   . GLN A 1 56 ? -10.110 2.231   13.079  1.00 15.14 ? 53  GLN A N   1 
ATOM   398 C CA  . GLN A 1 56 ? -10.090 3.687   12.960  1.00 15.09 ? 53  GLN A CA  1 
ATOM   399 C C   . GLN A 1 56 ? -10.137 4.080   11.489  1.00 13.62 ? 53  GLN A C   1 
ATOM   400 O O   . GLN A 1 56 ? -9.512  3.432   10.651  1.00 13.35 ? 53  GLN A O   1 
ATOM   401 C CB  . GLN A 1 56 ? -8.807  4.250   13.582  1.00 17.81 ? 53  GLN A CB  1 
ATOM   402 C CG  . GLN A 1 56 ? -8.633  3.933   15.055  1.00 22.07 ? 53  GLN A CG  1 
ATOM   403 C CD  . GLN A 1 56 ? -9.610  4.690   15.929  1.00 25.67 ? 53  GLN A CD  1 
ATOM   404 O OE1 . GLN A 1 56 ? -10.221 4.121   16.836  1.00 28.37 ? 53  GLN A OE1 1 
ATOM   405 N NE2 . GLN A 1 56 ? -9.753  5.986   15.670  1.00 25.17 ? 53  GLN A NE2 1 
ATOM   406 N N   . SER A 1 57 ? -10.869 5.143   11.176  1.00 11.91 ? 54  SER A N   1 
ATOM   407 C CA  . SER A 1 57 ? -10.967 5.618   9.799   1.00 11.21 ? 54  SER A CA  1 
ATOM   408 C C   . SER A 1 57 ? -9.834  6.600   9.552   1.00 10.96 ? 54  SER A C   1 
ATOM   409 O O   . SER A 1 57 ? -9.191  7.053   10.499  1.00 11.90 ? 54  SER A O   1 
ATOM   410 C CB  . SER A 1 57 ? -12.297 6.331   9.573   1.00 12.50 ? 54  SER A CB  1 
ATOM   411 O OG  . SER A 1 57 ? -12.335 7.549   10.297  1.00 14.43 ? 54  SER A OG  1 
ATOM   412 N N   . LEU A 1 58 ? -9.592  6.934   8.287   1.00 9.32  ? 55  LEU A N   1 
ATOM   413 C CA  . LEU A 1 58 ? -8.529  7.884   7.967   1.00 8.18  ? 55  LEU A CA  1 
ATOM   414 C C   . LEU A 1 58 ? -8.863  9.241   8.580   1.00 9.29  ? 55  LEU A C   1 
ATOM   415 O O   . LEU A 1 58 ? -7.971  9.980   8.991   1.00 8.65  ? 55  LEU A O   1 
ATOM   416 C CB  . LEU A 1 58 ? -8.357  8.018   6.452   1.00 8.37  ? 55  LEU A CB  1 
ATOM   417 C CG  . LEU A 1 58 ? -7.999  6.722   5.717   1.00 9.12  ? 55  LEU A CG  1 
ATOM   418 C CD1 . LEU A 1 58 ? -7.666  7.056   4.258   1.00 10.43 ? 55  LEU A CD1 1 
ATOM   419 C CD2 . LEU A 1 58 ? -6.812  6.042   6.388   1.00 8.49  ? 55  LEU A CD2 1 
ATOM   420 N N   . ALA A 1 59 ? -10.151 9.566   8.635   1.00 9.35  ? 56  ALA A N   1 
ATOM   421 C CA  . ALA A 1 59 ? -10.578 10.828  9.226   1.00 9.37  ? 56  ALA A CA  1 
ATOM   422 C C   . ALA A 1 59 ? -10.171 10.848  10.697  1.00 8.50  ? 56  ALA A C   1 
ATOM   423 O O   . ALA A 1 59 ? -9.623  11.836  11.186  1.00 9.83  ? 56  ALA A O   1 
ATOM   424 C CB  . ALA A 1 59 ? -12.096 10.985  9.093   1.00 10.10 ? 56  ALA A CB  1 
ATOM   425 N N   . GLN A 1 60 ? -10.424 9.746   11.398  1.00 9.79  ? 57  GLN A N   1 
ATOM   426 C CA  . GLN A 1 60 ? -10.073 9.650   12.811  1.00 9.37  ? 57  GLN A CA  1 
ATOM   427 C C   . GLN A 1 60 ? -8.562  9.682   13.002  1.00 10.16 ? 57  GLN A C   1 
ATOM   428 O O   . GLN A 1 60 ? -8.055  10.331  13.912  1.00 10.22 ? 57  GLN A O   1 
ATOM   429 C CB  . GLN A 1 60 ? -10.646 8.364   13.408  1.00 10.41 ? 57  GLN A CB  1 
ATOM   430 C CG  . GLN A 1 60 ? -12.162 8.377   13.511  1.00 12.19 ? 57  GLN A CG  1 
ATOM   431 C CD  . GLN A 1 60 ? -12.730 7.041   13.967  1.00 15.94 ? 57  GLN A CD  1 
ATOM   432 O OE1 . GLN A 1 60 ? -12.598 6.028   13.280  1.00 16.06 ? 57  GLN A OE1 1 
ATOM   433 N NE2 . GLN A 1 60 ? -13.369 7.035   15.135  1.00 19.87 ? 57  GLN A NE2 1 
ATOM   434 N N   . ILE A 1 61 ? -7.841  8.978   12.140  1.00 9.41  ? 58  ILE A N   1 
ATOM   435 C CA  . ILE A 1 61 ? -6.388  8.957   12.242  1.00 10.05 ? 58  ILE A CA  1 
ATOM   436 C C   . ILE A 1 61 ? -5.827  10.365  12.054  1.00 9.81  ? 58  ILE A C   1 
ATOM   437 O O   . ILE A 1 61 ? -4.939  10.791  12.795  1.00 9.33  ? 58  ILE A O   1 
ATOM   438 C CB  . ILE A 1 61 ? -5.776  7.998   11.198  1.00 9.40  ? 58  ILE A CB  1 
ATOM   439 C CG1 . ILE A 1 61 ? -6.121  6.552   11.573  1.00 12.12 ? 58  ILE A CG1 1 
ATOM   440 C CG2 . ILE A 1 61 ? -4.261  8.189   11.131  1.00 11.36 ? 58  ILE A CG2 1 
ATOM   441 C CD1 . ILE A 1 61 ? -5.730  5.525   10.529  1.00 11.03 ? 58  ILE A CD1 1 
ATOM   442 N N   . ALA A 1 62 ? -6.357  11.092  11.076  1.00 10.11 ? 59  ALA A N   1 
ATOM   443 C CA  . ALA A 1 62 ? -5.888  12.448  10.804  1.00 9.39  ? 59  ALA A CA  1 
ATOM   444 C C   . ALA A 1 62 ? -6.209  13.401  11.952  1.00 8.82  ? 59  ALA A C   1 
ATOM   445 O O   . ALA A 1 62 ? -5.382  14.231  12.323  1.00 9.12  ? 59  ALA A O   1 
ATOM   446 C CB  . ALA A 1 62 ? -6.504  12.963  9.514   1.00 7.74  ? 59  ALA A CB  1 
ATOM   447 N N   . GLN A 1 63 ? -7.415  13.286  12.505  1.00 8.48  ? 60  GLN A N   1 
ATOM   448 C CA  . GLN A 1 63 ? -7.822  14.142  13.617  1.00 9.74  ? 60  GLN A CA  1 
ATOM   449 C C   . GLN A 1 63 ? -6.895  13.915  14.813  1.00 10.03 ? 60  GLN A C   1 
ATOM   450 O O   . GLN A 1 63 ? -6.435  14.868  15.441  1.00 10.29 ? 60  GLN A O   1 
ATOM   451 C CB  . GLN A 1 63 ? -9.271  13.838  14.004  1.00 9.24  ? 60  GLN A CB  1 
ATOM   452 C CG  . GLN A 1 63 ? -9.669  14.296  15.415  1.00 9.99  ? 60  GLN A CG  1 
ATOM   453 C CD  . GLN A 1 63 ? -9.685  15.804  15.592  1.00 12.43 ? 60  GLN A CD  1 
ATOM   454 O OE1 . GLN A 1 63 ? -9.715  16.301  16.721  1.00 14.41 ? 60  GLN A OE1 1 
ATOM   455 N NE2 . GLN A 1 63 ? -9.685  16.539  14.488  1.00 7.86  ? 60  GLN A NE2 1 
ATOM   456 N N   . THR A 1 64 ? -6.617  12.648  15.107  1.00 10.33 ? 61  THR A N   1 
ATOM   457 C CA  . THR A 1 64 ? -5.741  12.276  16.216  1.00 11.98 ? 61  THR A CA  1 
ATOM   458 C C   . THR A 1 64 ? -4.334  12.829  16.009  1.00 11.24 ? 61  THR A C   1 
ATOM   459 O O   . THR A 1 64 ? -3.786  13.511  16.878  1.00 12.29 ? 61  THR A O   1 
ATOM   460 C CB  . THR A 1 64 ? -5.655  10.734  16.357  1.00 13.85 ? 61  THR A CB  1 
ATOM   461 O OG1 . THR A 1 64 ? -6.940  10.217  16.724  1.00 15.48 ? 61  THR A OG1 1 
ATOM   462 C CG2 . THR A 1 64 ? -4.633  10.340  17.415  1.00 16.14 ? 61  THR A CG2 1 
ATOM   463 N N   . LEU A 1 65 ? -3.750  12.541  14.853  1.00 12.38 ? 62  LEU A N   1 
ATOM   464 C CA  . LEU A 1 65 ? -2.399  13.010  14.562  1.00 11.21 ? 62  LEU A CA  1 
ATOM   465 C C   . LEU A 1 65 ? -2.277  14.529  14.517  1.00 11.38 ? 62  LEU A C   1 
ATOM   466 O O   . LEU A 1 65 ? -1.298  15.093  15.012  1.00 11.22 ? 62  LEU A O   1 
ATOM   467 C CB  . LEU A 1 65 ? -1.901  12.416  13.242  1.00 12.24 ? 62  LEU A CB  1 
ATOM   468 C CG  . LEU A 1 65 ? -1.725  10.896  13.226  1.00 14.89 ? 62  LEU A CG  1 
ATOM   469 C CD1 . LEU A 1 65 ? -1.078  10.472  11.910  1.00 13.75 ? 62  LEU A CD1 1 
ATOM   470 C CD2 . LEU A 1 65 ? -0.857  10.468  14.405  1.00 15.77 ? 62  LEU A CD2 1 
ATOM   471 N N   . ALA A 1 66 ? -3.259  15.206  13.931  1.00 10.78 ? 63  ALA A N   1 
ATOM   472 C CA  . ALA A 1 66 ? -3.177  16.657  13.861  1.00 11.04 ? 63  ALA A CA  1 
ATOM   473 C C   . ALA A 1 66 ? -3.188  17.236  15.272  1.00 11.87 ? 63  ALA A C   1 
ATOM   474 O O   . ALA A 1 66 ? -2.458  18.178  15.567  1.00 13.01 ? 63  ALA A O   1 
ATOM   475 C CB  . ALA A 1 66 ? -4.334  17.226  13.033  1.00 10.12 ? 63  ALA A CB  1 
ATOM   476 N N   . ALA A 1 67 ? -4.006  16.657  16.148  1.00 11.53 ? 64  ALA A N   1 
ATOM   477 C CA  . ALA A 1 67 ? -4.085  17.136  17.522  1.00 13.00 ? 64  ALA A CA  1 
ATOM   478 C C   . ALA A 1 67 ? -2.779  16.857  18.258  1.00 13.93 ? 64  ALA A C   1 
ATOM   479 O O   . ALA A 1 67 ? -2.283  17.711  18.993  1.00 15.85 ? 64  ALA A O   1 
ATOM   480 C CB  . ALA A 1 67 ? -5.252  16.472  18.245  1.00 12.99 ? 64  ALA A CB  1 
ATOM   481 N N   . GLU A 1 68 ? -2.219  15.666  18.054  1.00 14.65 ? 65  GLU A N   1 
ATOM   482 C CA  . GLU A 1 68 ? -0.967  15.292  18.707  1.00 15.29 ? 65  GLU A CA  1 
ATOM   483 C C   . GLU A 1 68 ? 0.207   16.151  18.255  1.00 15.15 ? 65  GLU A C   1 
ATOM   484 O O   . GLU A 1 68 ? 1.064   16.516  19.061  1.00 15.98 ? 65  GLU A O   1 
ATOM   485 C CB  . GLU A 1 68 ? -0.628  13.823  18.435  1.00 15.98 ? 65  GLU A CB  1 
ATOM   486 C CG  . GLU A 1 68 ? -1.651  12.828  18.951  1.00 19.90 ? 65  GLU A CG  1 
ATOM   487 C CD  . GLU A 1 68 ? -1.191  11.389  18.807  1.00 19.81 ? 65  GLU A CD  1 
ATOM   488 O OE1 . GLU A 1 68 ? -0.310  11.117  17.965  1.00 22.22 ? 65  GLU A OE1 1 
ATOM   489 O OE2 . GLU A 1 68 ? -1.724  10.522  19.529  1.00 23.72 ? 65  GLU A OE2 1 
ATOM   490 N N   . PHE A 1 69 ? 0.247   16.472  16.967  1.00 14.69 ? 66  PHE A N   1 
ATOM   491 C CA  . PHE A 1 69 ? 1.345   17.263  16.419  1.00 15.85 ? 66  PHE A CA  1 
ATOM   492 C C   . PHE A 1 69 ? 1.043   18.749  16.255  1.00 17.19 ? 66  PHE A C   1 
ATOM   493 O O   . PHE A 1 69 ? 1.796   19.475  15.599  1.00 19.17 ? 66  PHE A O   1 
ATOM   494 C CB  . PHE A 1 69 ? 1.786   16.655  15.085  1.00 16.41 ? 66  PHE A CB  1 
ATOM   495 C CG  . PHE A 1 69 ? 2.427   15.306  15.229  1.00 16.99 ? 66  PHE A CG  1 
ATOM   496 C CD1 . PHE A 1 69 ? 3.813   15.180  15.279  1.00 19.09 ? 66  PHE A CD1 1 
ATOM   497 C CD2 . PHE A 1 69 ? 1.648   14.164  15.373  1.00 19.20 ? 66  PHE A CD2 1 
ATOM   498 C CE1 . PHE A 1 69 ? 4.409   13.935  15.474  1.00 19.19 ? 66  PHE A CE1 1 
ATOM   499 C CE2 . PHE A 1 69 ? 2.234   12.916  15.570  1.00 19.84 ? 66  PHE A CE2 1 
ATOM   500 C CZ  . PHE A 1 69 ? 3.617   12.802  15.621  1.00 20.10 ? 66  PHE A CZ  1 
ATOM   501 N N   . ASP A 1 70 ? -0.047  19.206  16.864  1.00 17.39 ? 67  ASP A N   1 
ATOM   502 C CA  . ASP A 1 70 ? -0.431  20.612  16.782  1.00 18.88 ? 67  ASP A CA  1 
ATOM   503 C C   . ASP A 1 70 ? -0.385  21.077  15.334  1.00 17.96 ? 67  ASP A C   1 
ATOM   504 O O   . ASP A 1 70 ? 0.128   22.159  15.028  1.00 16.06 ? 67  ASP A O   1 
ATOM   505 C CB  . ASP A 1 70 ? 0.519   21.463  17.629  1.00 23.78 ? 67  ASP A CB  1 
ATOM   506 C CG  . ASP A 1 70 ? 0.528   21.052  19.089  1.00 28.66 ? 67  ASP A CG  1 
ATOM   507 O OD1 . ASP A 1 70 ? -0.537  21.136  19.739  1.00 32.02 ? 67  ASP A OD1 1 
ATOM   508 O OD2 . ASP A 1 70 ? 1.600   20.643  19.585  1.00 32.78 ? 67  ASP A OD2 1 
ATOM   509 N N   . ALA A 1 71 ? -0.912  20.242  14.444  1.00 16.20 ? 68  ALA A N   1 
ATOM   510 C CA  . ALA A 1 71 ? -0.932  20.549  13.019  1.00 15.26 ? 68  ALA A CA  1 
ATOM   511 C C   . ALA A 1 71 ? -2.360  20.772  12.544  1.00 14.93 ? 68  ALA A C   1 
ATOM   512 O O   . ALA A 1 71 ? -3.317  20.465  13.256  1.00 14.62 ? 68  ALA A O   1 
ATOM   513 C CB  . ALA A 1 71 ? -0.290  19.405  12.227  1.00 13.66 ? 68  ALA A CB  1 
ATOM   514 N N   . ASP A 1 72 ? -2.498  21.316  11.342  1.00 14.09 ? 69  ASP A N   1 
ATOM   515 C CA  . ASP A 1 72 ? -3.816  21.568  10.771  1.00 13.67 ? 69  ASP A CA  1 
ATOM   516 C C   . ASP A 1 72 ? -4.432  20.252  10.304  1.00 12.71 ? 69  ASP A C   1 
ATOM   517 O O   . ASP A 1 72 ? -3.843  19.538  9.494   1.00 11.80 ? 69  ASP A O   1 
ATOM   518 C CB  . ASP A 1 72 ? -3.709  22.517  9.587   1.00 14.84 ? 69  ASP A CB  1 
ATOM   519 C CG  . ASP A 1 72 ? -5.056  22.860  9.004   1.00 16.96 ? 69  ASP A CG  1 
ATOM   520 O OD1 . ASP A 1 72 ? -5.731  23.757  9.550   1.00 20.83 ? 69  ASP A OD1 1 
ATOM   521 O OD2 . ASP A 1 72 ? -5.450  22.219  8.013   1.00 17.00 ? 69  ASP A OD2 1 
ATOM   522 N N   . ALA A 1 73 ? -5.626  19.945  10.807  1.00 14.04 ? 70  ALA A N   1 
ATOM   523 C CA  . ALA A 1 73 ? -6.313  18.699  10.476  1.00 12.83 ? 70  ALA A CA  1 
ATOM   524 C C   . ALA A 1 73 ? -6.668  18.511  9.003   1.00 11.20 ? 70  ALA A C   1 
ATOM   525 O O   . ALA A 1 73 ? -6.584  17.399  8.480   1.00 11.80 ? 70  ALA A O   1 
ATOM   526 C CB  . ALA A 1 73 ? -7.568  18.568  11.330  1.00 11.87 ? 70  ALA A CB  1 
ATOM   527 N N   . SER A 1 74 ? -7.069  19.584  8.330   1.00 11.20 ? 71  SER A N   1 
ATOM   528 C CA  . SER A 1 74 ? -7.423  19.479  6.919   1.00 11.63 ? 71  SER A CA  1 
ATOM   529 C C   . SER A 1 74 ? -6.201  19.024  6.126   1.00 10.60 ? 71  SER A C   1 
ATOM   530 O O   . SER A 1 74 ? -6.288  18.130  5.283   1.00 11.09 ? 71  SER A O   1 
ATOM   531 C CB  . SER A 1 74 ? -7.914  20.830  6.393   1.00 13.04 ? 71  SER A CB  1 
ATOM   532 O OG  . SER A 1 74 ? -8.288  20.734  5.031   1.00 17.96 ? 71  SER A OG  1 
ATOM   533 N N   . GLU A 1 75 ? -5.063  19.648  6.413   1.00 10.53 ? 72  GLU A N   1 
ATOM   534 C CA  . GLU A 1 75 ? -3.804  19.320  5.752   1.00 10.08 ? 72  GLU A CA  1 
ATOM   535 C C   . GLU A 1 75 ? -3.390  17.877  6.020   1.00 9.93  ? 72  GLU A C   1 
ATOM   536 O O   . GLU A 1 75 ? -3.023  17.143  5.102   1.00 8.61  ? 72  GLU A O   1 
ATOM   537 C CB  . GLU A 1 75 ? -2.701  20.268  6.235   1.00 12.57 ? 72  GLU A CB  1 
ATOM   538 C CG  . GLU A 1 75 ? -2.855  21.692  5.719   1.00 17.81 ? 72  GLU A CG  1 
ATOM   539 C CD  . GLU A 1 75 ? -1.841  22.652  6.311   1.00 21.00 ? 72  GLU A CD  1 
ATOM   540 O OE1 . GLU A 1 75 ? -0.690  22.229  6.552   1.00 20.80 ? 72  GLU A OE1 1 
ATOM   541 O OE2 . GLU A 1 75 ? -2.196  23.837  6.516   1.00 22.71 ? 72  GLU A OE2 1 
ATOM   542 N N   . ILE A 1 76 ? -3.439  17.473  7.284   1.00 10.20 ? 73  ILE A N   1 
ATOM   543 C CA  . ILE A 1 76 ? -3.062  16.118  7.642   1.00 9.40  ? 73  ILE A CA  1 
ATOM   544 C C   . ILE A 1 76 ? -4.001  15.086  7.008   1.00 8.71  ? 73  ILE A C   1 
ATOM   545 O O   . ILE A 1 76 ? -3.560  14.024  6.569   1.00 8.98  ? 73  ILE A O   1 
ATOM   546 C CB  . ILE A 1 76 ? -3.038  15.943  9.179   1.00 9.00  ? 73  ILE A CB  1 
ATOM   547 C CG1 . ILE A 1 76 ? -1.964  16.856  9.792   1.00 10.66 ? 73  ILE A CG1 1 
ATOM   548 C CG2 . ILE A 1 76 ? -2.760  14.489  9.539   1.00 9.71  ? 73  ILE A CG2 1 
ATOM   549 C CD1 . ILE A 1 76 ? -0.559  16.618  9.257   1.00 11.20 ? 73  ILE A CD1 1 
ATOM   550 N N   . GLU A 1 77 ? -5.294  15.393  6.939   1.00 8.12  ? 74  GLU A N   1 
ATOM   551 C CA  . GLU A 1 77 ? -6.228  14.450  6.332   1.00 8.51  ? 74  GLU A CA  1 
ATOM   552 C C   . GLU A 1 77 ? -5.856  14.230  4.868   1.00 8.60  ? 74  GLU A C   1 
ATOM   553 O O   . GLU A 1 77 ? -5.872  13.106  4.373   1.00 7.88  ? 74  GLU A O   1 
ATOM   554 C CB  . GLU A 1 77 ? -7.671  14.957  6.445   1.00 8.36  ? 74  GLU A CB  1 
ATOM   555 C CG  . GLU A 1 77 ? -8.692  13.967  5.880   1.00 8.70  ? 74  GLU A CG  1 
ATOM   556 C CD  . GLU A 1 77 ? -10.129 14.311  6.239   1.00 9.50  ? 74  GLU A CD  1 
ATOM   557 O OE1 . GLU A 1 77 ? -10.949 14.508  5.313   1.00 11.56 ? 74  GLU A OE1 1 
ATOM   558 O OE2 . GLU A 1 77 ? -10.442 14.369  7.446   1.00 10.30 ? 74  GLU A OE2 1 
ATOM   559 N N   . THR A 1 78 ? -5.506  15.305  4.170   1.00 8.19  ? 75  THR A N   1 
ATOM   560 C CA  . THR A 1 78 ? -5.114  15.165  2.773   1.00 9.25  ? 75  THR A CA  1 
ATOM   561 C C   . THR A 1 78 ? -3.896  14.245  2.665   1.00 9.41  ? 75  THR A C   1 
ATOM   562 O O   . THR A 1 78 ? -3.859  13.347  1.826   1.00 9.57  ? 75  THR A O   1 
ATOM   563 C CB  . THR A 1 78 ? -4.765  16.536  2.152   1.00 8.68  ? 75  THR A CB  1 
ATOM   564 O OG1 . THR A 1 78 ? -5.970  17.268  1.916   1.00 9.89  ? 75  THR A OG1 1 
ATOM   565 C CG2 . THR A 1 78 ? -4.011  16.367  0.839   1.00 11.82 ? 75  THR A CG2 1 
ATOM   566 N N   . ASP A 1 79 ? -2.908  14.471  3.525   1.00 9.93  ? 76  ASP A N   1 
ATOM   567 C CA  . ASP A 1 79 ? -1.692  13.670  3.513   1.00 10.86 ? 76  ASP A CA  1 
ATOM   568 C C   . ASP A 1 79 ? -1.965  12.203  3.838   1.00 10.14 ? 76  ASP A C   1 
ATOM   569 O O   . ASP A 1 79 ? -1.397  11.300  3.210   1.00 10.76 ? 76  ASP A O   1 
ATOM   570 C CB  . ASP A 1 79 ? -0.672  14.263  4.490   1.00 11.81 ? 76  ASP A CB  1 
ATOM   571 C CG  . ASP A 1 79 ? 0.021   15.501  3.929   1.00 14.38 ? 76  ASP A CG  1 
ATOM   572 O OD1 . ASP A 1 79 ? -0.487  16.091  2.949   1.00 14.91 ? 76  ASP A OD1 1 
ATOM   573 O OD2 . ASP A 1 79 ? 1.075   15.888  4.466   1.00 18.30 ? 76  ASP A OD2 1 
ATOM   574 N N   . VAL A 1 80 ? -2.839  11.966  4.813   1.00 9.26  ? 77  VAL A N   1 
ATOM   575 C CA  . VAL A 1 80 ? -3.189  10.606  5.206   1.00 8.64  ? 77  VAL A CA  1 
ATOM   576 C C   . VAL A 1 80 ? -3.881  9.890   4.057   1.00 9.66  ? 77  VAL A C   1 
ATOM   577 O O   . VAL A 1 80 ? -3.582  8.739   3.755   1.00 8.92  ? 77  VAL A O   1 
ATOM   578 C CB  . VAL A 1 80 ? -4.115  10.601  6.453   1.00 8.19  ? 77  VAL A CB  1 
ATOM   579 C CG1 . VAL A 1 80 ? -4.657  9.194   6.706   1.00 10.20 ? 77  VAL A CG1 1 
ATOM   580 C CG2 . VAL A 1 80 ? -3.347  11.085  7.665   1.00 9.88  ? 77  VAL A CG2 1 
ATOM   581 N N   . ILE A 1 81 ? -4.816  10.573  3.405   1.00 8.74  ? 78  ILE A N   1 
ATOM   582 C CA  . ILE A 1 81 ? -5.519  9.963   2.288   1.00 10.04 ? 78  ILE A CA  1 
ATOM   583 C C   . ILE A 1 81 ? -4.569  9.688   1.123   1.00 9.54  ? 78  ILE A C   1 
ATOM   584 O O   . ILE A 1 81 ? -4.641  8.632   0.502   1.00 9.70  ? 78  ILE A O   1 
ATOM   585 C CB  . ILE A 1 81 ? -6.685  10.851  1.819   1.00 10.72 ? 78  ILE A CB  1 
ATOM   586 C CG1 . ILE A 1 81 ? -7.736  10.924  2.926   1.00 12.12 ? 78  ILE A CG1 1 
ATOM   587 C CG2 . ILE A 1 81 ? -7.288  10.289  0.540   1.00 13.93 ? 78  ILE A CG2 1 
ATOM   588 C CD1 . ILE A 1 81 ? -8.935  11.803  2.596   1.00 13.54 ? 78  ILE A CD1 1 
ATOM   589 N N   . GLU A 1 82 ? -3.676  10.631  0.836   1.00 10.78 ? 79  GLU A N   1 
ATOM   590 C CA  . GLU A 1 82 ? -2.717  10.451  -0.252  1.00 11.77 ? 79  GLU A CA  1 
ATOM   591 C C   . GLU A 1 82 ? -1.846  9.219   0.000   1.00 10.61 ? 79  GLU A C   1 
ATOM   592 O O   . GLU A 1 82 ? -1.669  8.384   -0.888  1.00 9.84  ? 79  GLU A O   1 
ATOM   593 C CB  . GLU A 1 82 ? -1.822  11.688  -0.390  1.00 14.95 ? 79  GLU A CB  1 
ATOM   594 C CG  . GLU A 1 82 ? -0.650  11.489  -1.353  1.00 22.69 ? 79  GLU A CG  1 
ATOM   595 C CD  . GLU A 1 82 ? 0.280   12.694  -1.423  1.00 26.91 ? 79  GLU A CD  1 
ATOM   596 O OE1 . GLU A 1 82 ? 0.691   13.204  -0.356  1.00 27.86 ? 79  GLU A OE1 1 
ATOM   597 O OE2 . GLU A 1 82 ? 0.610   13.124  -2.548  1.00 30.19 ? 79  GLU A OE2 1 
ATOM   598 N N   . LEU A 1 83 ? -1.313  9.102   1.214   1.00 10.54 ? 80  LEU A N   1 
ATOM   599 C CA  . LEU A 1 83 ? -0.467  7.960   1.555   1.00 10.90 ? 80  LEU A CA  1 
ATOM   600 C C   . LEU A 1 83 ? -1.215  6.641   1.441   1.00 11.25 ? 80  LEU A C   1 
ATOM   601 O O   . LEU A 1 83 ? -0.716  5.675   0.854   1.00 11.83 ? 80  LEU A O   1 
ATOM   602 C CB  . LEU A 1 83 ? 0.070   8.095   2.984   1.00 11.94 ? 80  LEU A CB  1 
ATOM   603 C CG  . LEU A 1 83 ? 0.722   6.822   3.539   1.00 14.81 ? 80  LEU A CG  1 
ATOM   604 C CD1 . LEU A 1 83 ? 2.029   6.558   2.806   1.00 15.99 ? 80  LEU A CD1 1 
ATOM   605 C CD2 . LEU A 1 83 ? 0.965   6.977   5.033   1.00 15.33 ? 80  LEU A CD2 1 
ATOM   606 N N   . THR A 1 84 ? -2.410  6.597   2.018   1.00 10.39 ? 81  THR A N   1 
ATOM   607 C CA  . THR A 1 84 ? -3.219  5.387   2.008   1.00 10.22 ? 81  THR A CA  1 
ATOM   608 C C   . THR A 1 84 ? -3.556  4.958   0.589   1.00 10.05 ? 81  THR A C   1 
ATOM   609 O O   . THR A 1 84 ? -3.578  3.768   0.279   1.00 10.12 ? 81  THR A O   1 
ATOM   610 C CB  . THR A 1 84 ? -4.505  5.597   2.819   1.00 10.95 ? 81  THR A CB  1 
ATOM   611 O OG1 . THR A 1 84 ? -4.151  6.042   4.133   1.00 10.20 ? 81  THR A OG1 1 
ATOM   612 C CG2 . THR A 1 84 ? -5.296  4.303   2.915   1.00 11.64 ? 81  THR A CG2 1 
ATOM   613 N N   . THR A 1 85 ? -3.813  5.933   -0.276  1.00 9.80  ? 82  THR A N   1 
ATOM   614 C CA  . THR A 1 85 ? -4.115  5.639   -1.665  1.00 11.00 ? 82  THR A CA  1 
ATOM   615 C C   . THR A 1 85 ? -2.912  4.935   -2.299  1.00 11.54 ? 82  THR A C   1 
ATOM   616 O O   . THR A 1 85 ? -3.067  3.934   -2.995  1.00 12.03 ? 82  THR A O   1 
ATOM   617 C CB  . THR A 1 85 ? -4.426  6.926   -2.442  1.00 13.00 ? 82  THR A CB  1 
ATOM   618 O OG1 . THR A 1 85 ? -5.624  7.511   -1.916  1.00 13.98 ? 82  THR A OG1 1 
ATOM   619 C CG2 . THR A 1 85 ? -4.615  6.629   -3.922  1.00 14.34 ? 82  THR A CG2 1 
ATOM   620 N N   . THR A 1 86 ? -1.717  5.458   -2.046  1.00 12.01 ? 83  THR A N   1 
ATOM   621 C CA  . THR A 1 86 ? -0.495  4.864   -2.583  1.00 12.06 ? 83  THR A CA  1 
ATOM   622 C C   . THR A 1 86 ? -0.284  3.446   -2.057  1.00 11.96 ? 83  THR A C   1 
ATOM   623 O O   . THR A 1 86 ? 0.030   2.527   -2.821  1.00 11.58 ? 83  THR A O   1 
ATOM   624 C CB  . THR A 1 86 ? 0.731   5.724   -2.225  1.00 12.92 ? 83  THR A CB  1 
ATOM   625 O OG1 . THR A 1 86 ? 0.610   6.997   -2.875  1.00 14.31 ? 83  THR A OG1 1 
ATOM   626 C CG2 . THR A 1 86 ? 2.023   5.045   -2.679  1.00 12.98 ? 83  THR A CG2 1 
ATOM   627 N N   . LEU A 1 87 ? -0.461  3.262   -0.752  1.00 10.27 ? 84  LEU A N   1 
ATOM   628 C CA  . LEU A 1 87 ? -0.280  1.937   -0.166  1.00 10.86 ? 84  LEU A CA  1 
ATOM   629 C C   . LEU A 1 87 ? -1.343  0.963   -0.663  1.00 11.96 ? 84  LEU A C   1 
ATOM   630 O O   . LEU A 1 87 ? -1.085  -0.234  -0.813  1.00 11.64 ? 84  LEU A O   1 
ATOM   631 C CB  . LEU A 1 87 ? -0.306  2.019   1.365   1.00 11.84 ? 84  LEU A CB  1 
ATOM   632 C CG  . LEU A 1 87 ? 0.796   2.875   1.999   1.00 11.56 ? 84  LEU A CG  1 
ATOM   633 C CD1 . LEU A 1 87 ? 0.711   2.743   3.525   1.00 11.95 ? 84  LEU A CD1 1 
ATOM   634 C CD2 . LEU A 1 87 ? 2.167   2.427   1.505   1.00 11.74 ? 84  LEU A CD2 1 
ATOM   635 N N   . HIS A 1 88 ? -2.542  1.470   -0.925  1.00 11.29 ? 85  HIS A N   1 
ATOM   636 C CA  . HIS A 1 88 ? -3.612  0.617   -1.421  1.00 12.36 ? 85  HIS A CA  1 
ATOM   637 C C   . HIS A 1 88 ? -3.273  0.175   -2.846  1.00 12.66 ? 85  HIS A C   1 
ATOM   638 O O   . HIS A 1 88 ? -3.461  -0.983  -3.208  1.00 13.81 ? 85  HIS A O   1 
ATOM   639 C CB  . HIS A 1 88 ? -4.943  1.370   -1.418  1.00 14.29 ? 85  HIS A CB  1 
ATOM   640 C CG  . HIS A 1 88 ? -6.107  0.531   -1.847  1.00 17.26 ? 85  HIS A CG  1 
ATOM   641 N ND1 . HIS A 1 88 ? -7.086  0.998   -2.697  1.00 21.23 ? 85  HIS A ND1 1 
ATOM   642 C CD2 . HIS A 1 88 ? -6.452  -0.741  -1.536  1.00 19.90 ? 85  HIS A CD2 1 
ATOM   643 C CE1 . HIS A 1 88 ? -7.985  0.049   -2.892  1.00 21.45 ? 85  HIS A CE1 1 
ATOM   644 N NE2 . HIS A 1 88 ? -7.624  -1.015  -2.201  1.00 22.48 ? 85  HIS A NE2 1 
ATOM   645 N N   . GLN A 1 89 ? -2.758  1.102   -3.648  1.00 12.19 ? 86  GLN A N   1 
ATOM   646 C CA  . GLN A 1 89 ? -2.394  0.783   -5.025  1.00 14.57 ? 86  GLN A CA  1 
ATOM   647 C C   . GLN A 1 89 ? -1.346  -0.320  -5.049  1.00 14.09 ? 86  GLN A C   1 
ATOM   648 O O   . GLN A 1 89 ? -1.344  -1.170  -5.946  1.00 15.06 ? 86  GLN A O   1 
ATOM   649 C CB  . GLN A 1 89 ? -1.847  2.022   -5.732  1.00 16.32 ? 86  GLN A CB  1 
ATOM   650 C CG  . GLN A 1 89 ? -2.864  3.138   -5.901  1.00 23.98 ? 86  GLN A CG  1 
ATOM   651 C CD  . GLN A 1 89 ? -2.273  4.353   -6.581  1.00 26.44 ? 86  GLN A CD  1 
ATOM   652 O OE1 . GLN A 1 89 ? -1.198  4.822   -6.209  1.00 29.79 ? 86  GLN A OE1 1 
ATOM   653 N NE2 . GLN A 1 89 ? -2.979  4.878   -7.577  1.00 31.07 ? 86  GLN A NE2 1 
ATOM   654 N N   . LYS A 1 90 ? -0.470  -0.311  -4.048  1.00 13.92 ? 87  LYS A N   1 
ATOM   655 C CA  . LYS A 1 90 ? 0.593   -1.302  -3.948  1.00 13.72 ? 87  LYS A CA  1 
ATOM   656 C C   . LYS A 1 90 ? 0.138   -2.629  -3.344  1.00 15.26 ? 87  LYS A C   1 
ATOM   657 O O   . LYS A 1 90 ? 0.959   -3.504  -3.073  1.00 16.35 ? 87  LYS A O   1 
ATOM   658 C CB  . LYS A 1 90 ? 1.773   -0.726  -3.162  1.00 15.64 ? 87  LYS A CB  1 
ATOM   659 C CG  . LYS A 1 90 ? 2.501   0.395   -3.905  1.00 17.47 ? 87  LYS A CG  1 
ATOM   660 C CD  . LYS A 1 90 ? 3.714   0.890   -3.138  1.00 18.25 ? 87  LYS A CD  1 
ATOM   661 C CE  . LYS A 1 90 ? 4.421   2.034   -3.860  1.00 18.64 ? 87  LYS A CE  1 
ATOM   662 N NZ  . LYS A 1 90 ? 4.898   1.667   -5.227  1.00 21.41 ? 87  LYS A NZ  1 
ATOM   663 N N   . ARG A 1 91 ? -1.174  -2.769  -3.145  1.00 15.39 ? 88  ARG A N   1 
ATOM   664 C CA  . ARG A 1 91 ? -1.773  -3.995  -2.609  1.00 16.25 ? 88  ARG A CA  1 
ATOM   665 C C   . ARG A 1 91 ? -1.262  -4.333  -1.211  1.00 15.46 ? 88  ARG A C   1 
ATOM   666 O O   . ARG A 1 91 ? -1.044  -5.504  -0.888  1.00 15.69 ? 88  ARG A O   1 
ATOM   667 C CB  . ARG A 1 91 ? -1.460  -5.177  -3.535  1.00 18.61 ? 88  ARG A CB  1 
ATOM   668 C CG  . ARG A 1 91 ? -1.328  -4.824  -5.012  1.00 23.80 ? 88  ARG A CG  1 
ATOM   669 C CD  . ARG A 1 91 ? -2.656  -4.814  -5.723  1.00 26.09 ? 88  ARG A CD  1 
ATOM   670 N NE  . ARG A 1 91 ? -3.259  -6.145  -5.755  1.00 29.23 ? 88  ARG A NE  1 
ATOM   671 C CZ  . ARG A 1 91 ? -4.391  -6.431  -6.388  1.00 29.13 ? 88  ARG A CZ  1 
ATOM   672 N NH1 . ARG A 1 91 ? -4.875  -7.664  -6.364  1.00 30.37 ? 88  ARG A NH1 1 
ATOM   673 N NH2 . ARG A 1 91 ? -5.035  -5.481  -7.052  1.00 31.69 ? 88  ARG A NH2 1 
ATOM   674 N N   . LEU A 1 92 ? -1.081  -3.322  -0.371  1.00 12.50 ? 89  LEU A N   1 
ATOM   675 C CA  . LEU A 1 92 ? -0.559  -3.565  0.965   1.00 11.12 ? 89  LEU A CA  1 
ATOM   676 C C   . LEU A 1 92 ? -1.604  -3.486  2.070   1.00 10.28 ? 89  LEU A C   1 
ATOM   677 O O   . LEU A 1 92 ? -1.304  -3.797  3.220   1.00 11.78 ? 89  LEU A O   1 
ATOM   678 C CB  . LEU A 1 92 ? 0.558   -2.564  1.273   1.00 12.02 ? 89  LEU A CB  1 
ATOM   679 C CG  . LEU A 1 92 ? 1.730   -2.490  0.290   1.00 13.81 ? 89  LEU A CG  1 
ATOM   680 C CD1 . LEU A 1 92 ? 2.686   -1.395  0.729   1.00 15.19 ? 89  LEU A CD1 1 
ATOM   681 C CD2 . LEU A 1 92 ? 2.434   -3.830  0.233   1.00 14.01 ? 89  LEU A CD2 1 
ATOM   682 N N   . LEU A 1 93 ? -2.831  -3.106  1.723   1.00 10.48 ? 90  LEU A N   1 
ATOM   683 C CA  . LEU A 1 93 ? -3.868  -2.936  2.736   1.00 11.14 ? 90  LEU A CA  1 
ATOM   684 C C   . LEU A 1 93 ? -5.113  -3.796  2.624   1.00 12.68 ? 90  LEU A C   1 
ATOM   685 O O   . LEU A 1 93 ? -5.470  -4.272  1.545   1.00 13.24 ? 90  LEU A O   1 
ATOM   686 C CB  . LEU A 1 93 ? -4.331  -1.478  2.750   1.00 12.26 ? 90  LEU A CB  1 
ATOM   687 C CG  . LEU A 1 93 ? -3.274  -0.375  2.734   1.00 12.50 ? 90  LEU A CG  1 
ATOM   688 C CD1 . LEU A 1 93 ? -3.970  0.983   2.622   1.00 13.82 ? 90  LEU A CD1 1 
ATOM   689 C CD2 . LEU A 1 93 ? -2.424  -0.454  3.983   1.00 12.42 ? 90  LEU A CD2 1 
ATOM   690 N N   . ARG A 1 94 ? -5.767  -3.971  3.770   1.00 12.54 ? 91  ARG A N   1 
ATOM   691 C CA  . ARG A 1 94 ? -7.030  -4.689  3.872   1.00 14.55 ? 91  ARG A CA  1 
ATOM   692 C C   . ARG A 1 94 ? -8.024  -3.593  4.269   1.00 15.83 ? 91  ARG A C   1 
ATOM   693 O O   . ARG A 1 94 ? -7.811  -2.885  5.254   1.00 16.05 ? 91  ARG A O   1 
ATOM   694 C CB  . ARG A 1 94 ? -6.969  -5.765  4.962   1.00 14.47 ? 91  ARG A CB  1 
ATOM   695 C CG  . ARG A 1 94 ? -8.323  -6.411  5.263   1.00 16.31 ? 91  ARG A CG  1 
ATOM   696 C CD  . ARG A 1 94 ? -8.184  -7.576  6.240   1.00 17.91 ? 91  ARG A CD  1 
ATOM   697 N NE  . ARG A 1 94 ? -7.737  -7.152  7.564   1.00 20.75 ? 91  ARG A NE  1 
ATOM   698 C CZ  . ARG A 1 94 ? -8.478  -6.448  8.414   1.00 22.10 ? 91  ARG A CZ  1 
ATOM   699 N NH1 . ARG A 1 94 ? -9.710  -6.086  8.080   1.00 25.12 ? 91  ARG A NH1 1 
ATOM   700 N NH2 . ARG A 1 94 ? -7.988  -6.102  9.596   1.00 24.95 ? 91  ARG A NH2 1 
ATOM   701 N N   . LEU A 1 95 ? -9.096  -3.432  3.500   1.00 17.50 ? 92  LEU A N   1 
ATOM   702 C CA  . LEU A 1 95 ? -10.077 -2.395  3.802   1.00 20.69 ? 92  LEU A CA  1 
ATOM   703 C C   . LEU A 1 95 ? -11.357 -2.955  4.405   1.00 22.21 ? 92  LEU A C   1 
ATOM   704 O O   . LEU A 1 95 ? -11.477 -4.196  4.493   1.00 23.62 ? 92  LEU A O   1 
ATOM   705 C CB  . LEU A 1 95 ? -10.406 -1.607  2.532   1.00 20.97 ? 92  LEU A CB  1 
ATOM   706 C CG  . LEU A 1 95 ? -9.207  -0.990  1.805   1.00 21.54 ? 92  LEU A CG  1 
ATOM   707 C CD1 . LEU A 1 95 ? -9.660  -0.431  0.469   1.00 23.22 ? 92  LEU A CD1 1 
ATOM   708 C CD2 . LEU A 1 95 ? -8.577  0.097   2.668   1.00 20.68 ? 92  LEU A CD2 1 
ATOM   709 O OXT . LEU A 1 95 ? -12.229 -2.144  4.784   1.00 23.09 ? 92  LEU A OXT 1 
HETATM 710 P P   . PO4 B 2 .  ? 5.599   -1.884  -6.307  1.00 32.57 ? 210 PO4 A P   1 
HETATM 711 O O1  . PO4 B 2 .  ? 4.382   -2.863  -6.523  1.00 33.90 ? 210 PO4 A O1  1 
HETATM 712 O O2  . PO4 B 2 .  ? 5.249   -0.466  -6.905  1.00 34.85 ? 210 PO4 A O2  1 
HETATM 713 O O3  . PO4 B 2 .  ? 5.898   -1.757  -4.764  1.00 34.02 ? 210 PO4 A O3  1 
HETATM 714 O O4  . PO4 B 2 .  ? 6.874   -2.456  -7.035  1.00 35.57 ? 210 PO4 A O4  1 
HETATM 715 O O   . HOH C 3 .  ? -7.198  1.965   10.554  1.00 13.58 ? 100 HOH A O   1 
HETATM 716 O O   . HOH C 3 .  ? -3.289  8.679   14.696  1.00 37.22 ? 101 HOH A O   1 
HETATM 717 O O   . HOH C 3 .  ? -0.668  -0.823  11.622  1.00 15.47 ? 102 HOH A O   1 
HETATM 718 O O   . HOH C 3 .  ? -14.773 8.580   9.654   1.00 28.01 ? 103 HOH A O   1 
HETATM 719 O O   . HOH C 3 .  ? -9.824  14.442  10.112  1.00 12.23 ? 104 HOH A O   1 
HETATM 720 O O   . HOH C 3 .  ? -9.997  10.618  16.078  1.00 16.24 ? 105 HOH A O   1 
HETATM 721 O O   . HOH C 3 .  ? 3.008   20.871  13.759  1.00 15.71 ? 106 HOH A O   1 
HETATM 722 O O   . HOH C 3 .  ? 1.196   11.787  2.075   1.00 16.98 ? 107 HOH A O   1 
HETATM 723 O O   . HOH C 3 .  ? -4.394  -2.835  -0.791  1.00 17.85 ? 108 HOH A O   1 
HETATM 724 O O   . HOH C 3 .  ? -6.286  -1.985  -18.014 1.00 31.36 ? 109 HOH A O   1 
HETATM 725 O O   . HOH C 3 .  ? -7.866  -4.067  -19.649 1.00 33.21 ? 110 HOH A O   1 
HETATM 726 O O   . HOH C 3 .  ? -7.640  -3.778  -27.181 1.00 18.94 ? 111 HOH A O   1 
HETATM 727 O O   . HOH C 3 .  ? 2.097   -2.137  -29.708 1.00 27.29 ? 112 HOH A O   1 
HETATM 728 O O   . HOH C 3 .  ? 3.111   -1.847  -23.623 1.00 21.18 ? 113 HOH A O   1 
HETATM 729 O O   . HOH C 3 .  ? 0.074   -0.882  -22.353 1.00 29.24 ? 114 HOH A O   1 
HETATM 730 O O   . HOH C 3 .  ? 8.852   -11.476 -19.427 1.00 15.58 ? 115 HOH A O   1 
HETATM 731 O O   . HOH C 3 .  ? 9.897   -6.753  -9.305  1.00 31.39 ? 116 HOH A O   1 
HETATM 732 O O   . HOH C 3 .  ? 10.798  -6.119  -5.269  1.00 34.69 ? 117 HOH A O   1 
HETATM 733 O O   . HOH C 3 .  ? 10.812  -3.442  -3.936  1.00 31.20 ? 118 HOH A O   1 
HETATM 734 O O   . HOH C 3 .  ? 9.906   3.203   -1.827  1.00 34.35 ? 119 HOH A O   1 
HETATM 735 O O   . HOH C 3 .  ? 2.157   -22.711 -4.778  1.00 37.31 ? 120 HOH A O   1 
HETATM 736 O O   . HOH C 3 .  ? 5.504   -27.939 -4.040  1.00 14.75 ? 121 HOH A O   1 
HETATM 737 O O   . HOH C 3 .  ? -2.035  -32.098 -6.180  1.00 24.34 ? 122 HOH A O   1 
HETATM 738 O O   . HOH C 3 .  ? -1.348  -33.843 -8.071  1.00 22.67 ? 123 HOH A O   1 
HETATM 739 O O   . HOH C 3 .  ? 1.685   -32.371 -10.621 1.00 30.73 ? 124 HOH A O   1 
HETATM 740 O O   . HOH C 3 .  ? -0.396  -28.825 -13.552 1.00 19.45 ? 125 HOH A O   1 
HETATM 741 O O   . HOH C 3 .  ? 1.218   -29.139 -15.709 1.00 11.73 ? 126 HOH A O   1 
HETATM 742 O O   . HOH C 3 .  ? -2.038  -24.269 -12.745 1.00 13.89 ? 127 HOH A O   1 
HETATM 743 O O   . HOH C 3 .  ? -0.125  -7.585  -2.062  1.00 22.18 ? 128 HOH A O   1 
HETATM 744 O O   . HOH C 3 .  ? 14.043  3.725   -0.366  1.00 49.30 ? 129 HOH A O   1 
HETATM 745 O O   . HOH C 3 .  ? -7.051  17.582  15.022  1.00 16.79 ? 130 HOH A O   1 
HETATM 746 O O   . HOH C 3 .  ? -5.789  20.101  15.073  1.00 31.07 ? 131 HOH A O   1 
HETATM 747 O O   . HOH C 3 .  ? -6.984  21.731  12.814  1.00 23.57 ? 132 HOH A O   1 
HETATM 748 O O   . HOH C 3 .  ? -8.331  21.994  9.675   1.00 27.11 ? 133 HOH A O   1 
HETATM 749 O O   . HOH C 3 .  ? -0.014  21.901  9.920   1.00 19.79 ? 134 HOH A O   1 
HETATM 750 O O   . HOH C 3 .  ? -7.158  16.282  -0.385  1.00 22.57 ? 135 HOH A O   1 
HETATM 751 O O   . HOH C 3 .  ? -1.737  8.862   -3.741  1.00 25.83 ? 136 HOH A O   1 
HETATM 752 O O   . HOH C 3 .  ? 2.381   9.755   0.743   1.00 34.66 ? 137 HOH A O   1 
HETATM 753 O O   . HOH C 3 .  ? 6.304   8.609   2.863   1.00 20.84 ? 138 HOH A O   1 
HETATM 754 O O   . HOH C 3 .  ? 5.430   11.065  4.034   1.00 22.34 ? 139 HOH A O   1 
HETATM 755 O O   . HOH C 3 .  ? -7.322  7.527   15.403  1.00 28.18 ? 140 HOH A O   1 
HETATM 756 O O   . HOH C 3 .  ? 15.163  -6.682  3.253   1.00 36.75 ? 141 HOH A O   1 
HETATM 757 O O   . HOH C 3 .  ? 7.885   -6.558  -7.677  1.00 35.26 ? 142 HOH A O   1 
HETATM 758 O O   . HOH C 3 .  ? 9.796   -14.390 -6.653  1.00 35.41 ? 143 HOH A O   1 
HETATM 759 O O   . HOH C 3 .  ? 9.327   -24.876 -12.305 1.00 19.85 ? 144 HOH A O   1 
HETATM 760 O O   . HOH C 3 .  ? 8.663   -29.361 -13.030 1.00 22.11 ? 145 HOH A O   1 
HETATM 761 O O   . HOH C 3 .  ? 4.103   -27.728 -1.396  1.00 26.91 ? 146 HOH A O   1 
HETATM 762 O O   . HOH C 3 .  ? 3.860   -33.162 -12.091 1.00 27.29 ? 147 HOH A O   1 
HETATM 763 O O   . HOH C 3 .  ? 2.382   -31.620 -15.345 1.00 19.39 ? 148 HOH A O   1 
HETATM 764 O O   . HOH C 3 .  ? 0.936   -21.865 -2.621  1.00 39.14 ? 149 HOH A O   1 
HETATM 765 O O   . HOH C 3 .  ? 12.521  10.444  5.960   1.00 27.96 ? 150 HOH A O   1 
HETATM 766 O O   . HOH C 3 .  ? -5.110  24.087  5.960   1.00 20.30 ? 151 HOH A O   1 
HETATM 767 O O   . HOH C 3 .  ? -0.126  15.961  0.164   1.00 23.17 ? 152 HOH A O   1 
HETATM 768 O O   . HOH C 3 .  ? -1.415  7.504   -6.075  1.00 42.43 ? 153 HOH A O   1 
HETATM 769 O O   . HOH C 3 .  ? 1.670   3.581   -5.870  1.00 34.97 ? 154 HOH A O   1 
HETATM 770 O O   . HOH C 3 .  ? 11.610  -12.239 -2.530  1.00 30.12 ? 155 HOH A O   1 
HETATM 771 O O   . HOH C 3 .  ? -5.021  6.392   15.872  1.00 37.74 ? 156 HOH A O   1 
HETATM 772 O O   . HOH C 3 .  ? -13.615 9.361   16.919  1.00 34.13 ? 157 HOH A O   1 
HETATM 773 O O   . HOH C 3 .  ? -4.005  -2.595  -32.507 1.00 25.08 ? 158 HOH A O   1 
HETATM 774 O O   . HOH C 3 .  ? 10.762  5.742   -1.981  1.00 34.93 ? 160 HOH A O   1 
HETATM 775 O O   . HOH C 3 .  ? -5.362  -2.350  -4.957  1.00 27.93 ? 161 HOH A O   1 
HETATM 776 O O   . HOH C 3 .  ? 1.420   1.016   -30.561 1.00 48.10 ? 162 HOH A O   1 
HETATM 777 O O   . HOH C 3 .  ? 2.965   -8.525  -0.831  1.00 18.41 ? 163 HOH A O   1 
HETATM 778 O O   . HOH C 3 .  ? 2.893   11.744  4.183   1.00 28.32 ? 164 HOH A O   1 
HETATM 779 O O   . HOH C 3 .  ? 10.458  -17.709 -14.658 1.00 36.09 ? 165 HOH A O   1 
HETATM 780 O O   . HOH C 3 .  ? 11.116  -23.632 -10.750 1.00 32.32 ? 166 HOH A O   1 
HETATM 781 O O   . HOH C 3 .  ? 9.207   -21.941 -3.781  1.00 35.45 ? 167 HOH A O   1 
HETATM 782 O O   . HOH C 3 .  ? -9.535  1.520   17.323  1.00 36.73 ? 168 HOH A O   1 
HETATM 783 O O   . HOH C 3 .  ? -4.892  13.214  19.331  1.00 25.22 ? 169 HOH A O   1 
HETATM 784 O O   . HOH C 3 .  ? -3.367  19.933  19.743  1.00 26.94 ? 170 HOH A O   1 
HETATM 785 O O   . HOH C 3 .  ? -5.542  13.336  -0.428  1.00 21.63 ? 171 HOH A O   1 
HETATM 786 O O   . HOH C 3 .  ? -10.273 8.047   17.285  1.00 33.30 ? 172 HOH A O   1 
HETATM 787 O O   . HOH C 3 .  ? 10.590  -4.620  -10.830 1.00 24.84 ? 173 HOH A O   1 
HETATM 788 O O   . HOH C 3 .  ? 13.204  -13.088 -6.899  1.00 40.31 ? 174 HOH A O   1 
HETATM 789 O O   . HOH C 3 .  ? 10.997  -6.843  -16.946 1.00 28.67 ? 175 HOH A O   1 
HETATM 790 O O   . HOH C 3 .  ? 2.641   -25.721 -2.232  1.00 29.13 ? 176 HOH A O   1 
HETATM 791 O O   . HOH C 3 .  ? 4.591   -21.854 -4.369  1.00 40.30 ? 177 HOH A O   1 
HETATM 792 O O   . HOH C 3 .  ? -10.357 -4.683  -20.755 1.00 39.83 ? 178 HOH A O   1 
HETATM 793 O O   . HOH C 3 .  ? 7.257   5.322   -0.864  1.00 31.98 ? 179 HOH A O   1 
HETATM 794 O O   . HOH C 3 .  ? 6.427   0.685   -9.202  1.00 35.01 ? 180 HOH A O   1 
HETATM 795 O O   . HOH C 3 .  ? 7.414   -4.317  -21.554 1.00 28.91 ? 181 HOH A O   1 
HETATM 796 O O   . HOH C 3 .  ? 11.028  -12.256 -14.464 1.00 28.39 ? 182 HOH A O   1 
HETATM 797 O O   . HOH C 3 .  ? 9.043   -3.759  -5.940  1.00 37.70 ? 183 HOH A O   1 
HETATM 798 O O   . HOH C 3 .  ? -6.017  3.356   -4.387  1.00 32.06 ? 184 HOH A O   1 
HETATM 799 O O   . HOH C 3 .  ? -0.076  9.022   21.196  1.00 48.38 ? 185 HOH A O   1 
HETATM 800 O O   . HOH C 3 .  ? -0.682  3.759   18.905  1.00 35.58 ? 186 HOH A O   1 
HETATM 801 O O   . HOH C 3 .  ? 3.200   6.239   17.248  1.00 29.34 ? 187 HOH A O   1 
HETATM 802 O O   . HOH C 3 .  ? -13.634 4.059   16.019  1.00 39.84 ? 188 HOH A O   1 
HETATM 803 O O   . HOH C 3 .  ? -4.175  -28.409 -12.932 1.00 34.81 ? 189 HOH A O   1 
HETATM 804 O O   . HOH C 3 .  ? 9.288   -2.397  -22.813 1.00 50.96 ? 190 HOH A O   1 
HETATM 805 O O   . HOH C 3 .  ? 7.645   -0.007  -3.771  1.00 39.40 ? 191 HOH A O   1 
HETATM 806 O O   . HOH C 3 .  ? -11.947 -6.410  3.360   1.00 29.30 ? 193 HOH A O   1 
HETATM 807 O O   . HOH C 3 .  ? -2.442  0.267   -24.548 1.00 30.84 ? 194 HOH A O   1 
HETATM 808 O O   . HOH C 3 .  ? 2.660   8.381   -1.500  1.00 43.12 ? 195 HOH A O   1 
HETATM 809 O O   . HOH C 3 .  ? -4.706  -5.444  -1.529  1.00 39.98 ? 196 HOH A O   1 
HETATM 810 O O   . HOH C 3 .  ? -0.073  -34.379 -10.398 1.00 39.40 ? 197 HOH A O   1 
HETATM 811 O O   . HOH C 3 .  ? -4.964  3.445   15.859  1.00 35.86 ? 198 HOH A O   1 
HETATM 812 O O   . HOH C 3 .  ? 12.131  8.428   4.155   1.00 44.70 ? 199 HOH A O   1 
HETATM 813 O O   . HOH C 3 .  ? 6.821   -23.335 -4.023  1.00 49.33 ? 211 HOH A O   1 
HETATM 814 O O   . HOH C 3 .  ? 12.578  -7.702  1.386   1.00 46.07 ? 212 HOH A O   1 
HETATM 815 O O   . HOH C 3 .  ? 0.717   -1.131  14.604  1.00 42.21 ? 213 HOH A O   1 
HETATM 816 O O   . HOH C 3 .  ? 3.424   18.471  19.554  1.00 47.24 ? 214 HOH A O   1 
HETATM 817 O O   . HOH C 3 .  ? 10.776  -10.459 -21.080 1.00 36.64 ? 215 HOH A O   1 
# 
